data_3H55
#
_entry.id   3H55
#
_cell.length_a   153.864
_cell.length_b   114.514
_cell.length_c   68.371
_cell.angle_alpha   90.00
_cell.angle_beta   96.17
_cell.angle_gamma   90.00
#
_symmetry.space_group_name_H-M   'C 1 2 1'
#
loop_
_entity.id
_entity.type
_entity.pdbx_description
1 polymer Alpha-N-acetylgalactosaminidase
2 branched beta-D-mannopyranose-(1-4)-2-acetamido-2-deoxy-beta-D-glucopyranose-(1-4)-[alpha-L-fucopyranose-(1-6)]2-acetamido-2-deoxy-beta-D-glucopyranose
3 branched alpha-D-mannopyranose-(1-3)-[alpha-D-mannopyranose-(1-6)]beta-D-mannopyranose-(1-4)-2-acetamido-2-deoxy-beta-D-glucopyranose-(1-4)-2-acetamido-2-deoxy-beta-D-glucopyranose
4 branched 2-acetamido-2-deoxy-beta-D-glucopyranose-(1-4)-[alpha-L-fucopyranose-(1-6)]2-acetamido-2-deoxy-beta-D-glucopyranose
5 non-polymer 2-acetamido-2-deoxy-beta-D-glucopyranose
6 non-polymer alpha-D-galactopyranose
7 non-polymer 'CITRIC ACID'
8 water water
#
_entity_poly.entity_id   1
_entity_poly.type   'polypeptide(L)'
_entity_poly.pdbx_seq_one_letter_code
;LDNGLLQTPPMGWLAWERFRCNINCDEDPKNCISEQLFMEMADRMAQDGWRDMGYTYLNIDDCWIGGRDASGRLMPDPKR
FPHGIPFLADYVHSLGLKLGIYADMGNFTCMGYPGTTLDKVVQDAQTFAEWKVDMLKLDGCFSTPEERAQGYPKMAAALN
ATGRPIAFSCSWPAYEGGLPPRVQYSLLADICNLWRNYDDIQDSWWSVLSILNWFVEHQDILQPVAGPGHWNDPDMLLIG
NFGLSLEQSRAQMALWTVLAAPLLMSTDLRTISAQNMDILQNPLMIKINQDPLGIQGRRIHKEKSLIEVYMRPLSNKASA
LVFFSCRTDMPYRYHSSLGQLNFTGSVIYEAQDVYSGDIISGLRDETNFTVIINPSGVVMWYLYPIKNLEMSQQHHHHHH
;
_entity_poly.pdbx_strand_id   A,B
#
# COMPACT_ATOMS: atom_id res chain seq x y z
N LEU A 1 4.86 -34.52 4.65
CA LEU A 1 4.25 -35.62 5.45
C LEU A 1 3.56 -36.62 4.53
N ASP A 2 3.85 -37.90 4.73
CA ASP A 2 3.38 -38.96 3.82
C ASP A 2 2.00 -39.51 4.19
N ASN A 3 1.03 -38.61 4.33
CA ASN A 3 -0.33 -38.96 4.72
C ASN A 3 -1.34 -38.86 3.57
N GLY A 4 -0.81 -38.75 2.35
CA GLY A 4 -1.65 -38.66 1.16
C GLY A 4 -2.35 -37.32 0.96
N LEU A 5 -2.11 -36.38 1.87
CA LEU A 5 -2.81 -35.09 1.85
C LEU A 5 -1.98 -33.98 1.23
N LEU A 6 -2.68 -32.99 0.67
CA LEU A 6 -2.05 -31.77 0.15
C LEU A 6 -1.00 -32.04 -0.94
N GLN A 7 -1.40 -32.83 -1.94
CA GLN A 7 -0.56 -33.12 -3.08
C GLN A 7 -0.41 -31.86 -3.94
N THR A 8 -1.34 -30.92 -3.74
CA THR A 8 -1.23 -29.54 -4.22
C THR A 8 -1.35 -28.63 -2.98
N PRO A 9 -0.91 -27.37 -3.08
CA PRO A 9 -1.01 -26.49 -1.89
C PRO A 9 -2.46 -26.32 -1.43
N PRO A 10 -2.69 -26.25 -0.10
CA PRO A 10 -4.03 -26.11 0.45
C PRO A 10 -4.63 -24.75 0.12
N MET A 11 -5.88 -24.75 -0.34
CA MET A 11 -6.61 -23.51 -0.55
C MET A 11 -7.75 -23.42 0.47
N GLY A 12 -7.92 -22.23 1.04
CA GLY A 12 -8.98 -22.03 2.01
C GLY A 12 -9.04 -20.64 2.58
N TRP A 13 -9.63 -20.55 3.78
CA TRP A 13 -9.81 -19.30 4.47
C TRP A 13 -9.32 -19.55 5.90
N LEU A 14 -8.62 -18.57 6.44
CA LEU A 14 -8.09 -18.64 7.80
C LEU A 14 -8.55 -17.39 8.52
N ALA A 15 -8.96 -17.51 9.79
CA ALA A 15 -9.58 -16.40 10.50
C ALA A 15 -8.61 -15.28 10.93
N TRP A 16 -7.34 -15.63 11.12
CA TRP A 16 -6.42 -14.78 11.89
C TRP A 16 -6.16 -13.37 11.38
N GLU A 17 -5.61 -13.23 10.17
CA GLU A 17 -5.14 -11.93 9.71
C GLU A 17 -6.23 -10.84 9.81
N ARG A 18 -7.45 -11.17 9.40
CA ARG A 18 -8.53 -10.20 9.38
C ARG A 18 -9.23 -10.04 10.73
N PHE A 19 -9.38 -11.13 11.49
CA PHE A 19 -10.27 -11.08 12.64
C PHE A 19 -9.54 -11.19 13.98
N ARG A 20 -8.29 -11.63 13.91
CA ARG A 20 -7.36 -11.65 15.05
C ARG A 20 -8.01 -12.26 16.29
N CYS A 21 -7.78 -11.65 17.44
CA CYS A 21 -8.25 -12.16 18.72
C CYS A 21 -9.42 -11.34 19.27
N ASN A 22 -10.36 -11.03 18.40
CA ASN A 22 -11.56 -10.27 18.78
C ASN A 22 -12.60 -11.19 19.44
N ILE A 23 -12.72 -11.04 20.76
CA ILE A 23 -13.63 -11.88 21.55
C ILE A 23 -14.74 -11.05 22.20
N ASN A 24 -14.85 -9.78 21.79
CA ASN A 24 -15.89 -8.90 22.33
C ASN A 24 -17.18 -9.05 21.54
N CYS A 25 -17.90 -10.14 21.80
CA CYS A 25 -19.13 -10.44 21.09
C CYS A 25 -20.32 -9.58 21.51
N ASP A 26 -20.22 -8.95 22.68
CA ASP A 26 -21.22 -7.98 23.14
C ASP A 26 -21.20 -6.71 22.28
N GLU A 27 -20.02 -6.11 22.15
CA GLU A 27 -19.83 -4.90 21.34
C GLU A 27 -19.78 -5.17 19.84
N ASP A 28 -19.21 -6.30 19.46
CA ASP A 28 -18.91 -6.58 18.05
C ASP A 28 -19.30 -8.01 17.65
N PRO A 29 -20.61 -8.35 17.72
CA PRO A 29 -21.07 -9.72 17.49
C PRO A 29 -20.82 -10.28 16.08
N LYS A 30 -20.71 -9.39 15.09
CA LYS A 30 -20.54 -9.82 13.69
C LYS A 30 -19.11 -10.19 13.34
N ASN A 31 -18.14 -9.72 14.13
CA ASN A 31 -16.73 -9.84 13.78
C ASN A 31 -15.88 -10.53 14.85
N CYS A 32 -16.51 -10.94 15.94
CA CYS A 32 -15.79 -11.65 16.98
C CYS A 32 -15.58 -13.12 16.57
N ILE A 33 -14.52 -13.73 17.10
CA ILE A 33 -14.22 -15.14 16.89
C ILE A 33 -15.31 -15.99 17.56
N SER A 34 -16.16 -16.61 16.74
CA SER A 34 -17.31 -17.32 17.25
C SER A 34 -17.86 -18.32 16.24
N GLU A 35 -18.68 -19.24 16.73
CA GLU A 35 -19.44 -20.19 15.92
C GLU A 35 -20.09 -19.48 14.75
N GLN A 36 -20.83 -18.40 15.03
CA GLN A 36 -21.53 -17.61 14.02
C GLN A 36 -20.63 -17.17 12.87
N LEU A 37 -19.47 -16.59 13.21
CA LEU A 37 -18.50 -16.11 12.21
C LEU A 37 -18.11 -17.21 11.23
N PHE A 38 -17.75 -18.38 11.75
CA PHE A 38 -17.33 -19.49 10.92
C PHE A 38 -18.47 -20.06 10.05
N MET A 39 -19.65 -20.17 10.64
CA MET A 39 -20.82 -20.64 9.89
C MET A 39 -21.14 -19.69 8.74
N GLU A 40 -21.05 -18.39 9.00
CA GLU A 40 -21.36 -17.37 7.98
C GLU A 40 -20.33 -17.40 6.87
N MET A 41 -19.06 -17.62 7.23
CA MET A 41 -17.98 -17.76 6.24
C MET A 41 -18.14 -19.05 5.44
N ALA A 42 -18.53 -20.13 6.11
CA ALA A 42 -18.80 -21.41 5.45
C ALA A 42 -19.90 -21.23 4.40
N ASP A 43 -20.97 -20.54 4.79
CA ASP A 43 -22.07 -20.20 3.88
C ASP A 43 -21.59 -19.49 2.62
N ARG A 44 -20.73 -18.48 2.79
CA ARG A 44 -20.18 -17.73 1.65
C ARG A 44 -19.30 -18.63 0.78
N MET A 45 -18.48 -19.46 1.41
CA MET A 45 -17.62 -20.37 0.66
C MET A 45 -18.43 -21.32 -0.23
N ALA A 46 -19.56 -21.81 0.30
CA ALA A 46 -20.41 -22.76 -0.40
C ALA A 46 -21.24 -22.08 -1.50
N GLN A 47 -21.66 -20.85 -1.25
CA GLN A 47 -22.61 -20.13 -2.12
C GLN A 47 -21.97 -19.24 -3.19
N ASP A 48 -20.79 -18.70 -2.90
CA ASP A 48 -20.20 -17.65 -3.76
C ASP A 48 -19.05 -18.13 -4.67
N GLY A 49 -19.01 -19.43 -4.94
CA GLY A 49 -18.04 -19.99 -5.89
C GLY A 49 -16.71 -20.45 -5.31
N TRP A 50 -16.45 -20.09 -4.06
CA TRP A 50 -15.17 -20.38 -3.43
C TRP A 50 -14.83 -21.87 -3.40
N ARG A 51 -15.72 -22.67 -2.82
CA ARG A 51 -15.51 -24.12 -2.74
C ARG A 51 -15.32 -24.72 -4.14
N ASP A 52 -16.15 -24.27 -5.08
CA ASP A 52 -16.10 -24.77 -6.45
C ASP A 52 -14.76 -24.46 -7.13
N MET A 53 -14.10 -23.37 -6.71
CA MET A 53 -12.83 -22.99 -7.31
C MET A 53 -11.65 -23.69 -6.65
N GLY A 54 -11.90 -24.36 -5.51
CA GLY A 54 -10.86 -25.12 -4.81
C GLY A 54 -10.58 -24.70 -3.38
N TYR A 55 -11.18 -23.60 -2.93
CA TYR A 55 -11.01 -23.12 -1.55
C TYR A 55 -11.90 -23.96 -0.63
N THR A 56 -11.31 -24.94 0.04
CA THR A 56 -12.10 -25.96 0.77
C THR A 56 -11.90 -25.94 2.28
N TYR A 57 -10.79 -25.38 2.74
CA TYR A 57 -10.51 -25.33 4.17
C TYR A 57 -11.07 -24.08 4.83
N LEU A 58 -11.74 -24.28 5.97
CA LEU A 58 -12.20 -23.19 6.83
C LEU A 58 -11.47 -23.35 8.14
N ASN A 59 -10.49 -22.51 8.39
CA ASN A 59 -9.60 -22.73 9.54
C ASN A 59 -9.83 -21.75 10.66
N ILE A 60 -10.02 -22.32 11.85
CA ILE A 60 -10.06 -21.58 13.11
C ILE A 60 -8.61 -21.32 13.55
N ASP A 61 -8.35 -20.10 14.00
CA ASP A 61 -7.02 -19.77 14.53
C ASP A 61 -7.08 -19.61 16.05
N ASP A 62 -6.23 -18.74 16.58
CA ASP A 62 -6.12 -18.58 18.04
C ASP A 62 -7.42 -18.02 18.64
N CYS A 63 -7.56 -18.15 19.95
CA CYS A 63 -8.63 -17.53 20.75
C CYS A 63 -9.96 -18.30 20.75
N TRP A 64 -9.95 -19.56 20.34
CA TRP A 64 -11.17 -20.38 20.35
C TRP A 64 -11.34 -21.16 21.65
N ILE A 65 -10.24 -21.37 22.38
CA ILE A 65 -10.23 -22.28 23.52
C ILE A 65 -10.91 -21.65 24.74
N GLY A 66 -11.69 -22.46 25.44
CA GLY A 66 -12.33 -22.03 26.69
C GLY A 66 -11.62 -22.54 27.92
N GLY A 67 -10.97 -23.70 27.81
CA GLY A 67 -10.28 -24.34 28.93
C GLY A 67 -10.16 -25.85 28.74
N ARG A 68 -9.88 -26.55 29.83
CA ARG A 68 -9.86 -28.01 29.82
C ARG A 68 -10.82 -28.54 30.88
N ASP A 69 -11.49 -29.65 30.57
CA ASP A 69 -12.43 -30.23 31.53
C ASP A 69 -11.72 -31.11 32.55
N ALA A 70 -12.50 -31.81 33.40
CA ALA A 70 -11.93 -32.60 34.50
C ALA A 70 -11.00 -33.73 34.05
N SER A 71 -11.14 -34.16 32.79
CA SER A 71 -10.27 -35.17 32.21
C SER A 71 -9.08 -34.56 31.45
N GLY A 72 -8.97 -33.23 31.48
CA GLY A 72 -7.94 -32.53 30.72
C GLY A 72 -8.30 -32.34 29.24
N ARG A 73 -9.54 -32.62 28.89
N ARG A 73 -9.55 -32.65 28.90
CA ARG A 73 -10.00 -32.55 27.51
CA ARG A 73 -10.02 -32.52 27.52
C ARG A 73 -10.29 -31.11 27.11
C ARG A 73 -10.21 -31.07 27.16
N LEU A 74 -9.75 -30.71 25.95
CA LEU A 74 -9.85 -29.34 25.46
C LEU A 74 -11.30 -28.96 25.17
N MET A 75 -11.68 -27.76 25.56
CA MET A 75 -13.02 -27.23 25.30
C MET A 75 -12.98 -25.88 24.60
N PRO A 76 -13.91 -25.64 23.66
CA PRO A 76 -14.02 -24.30 23.10
C PRO A 76 -14.63 -23.33 24.13
N ASP A 77 -14.60 -22.04 23.82
CA ASP A 77 -15.27 -21.05 24.66
C ASP A 77 -16.78 -21.28 24.58
N PRO A 78 -17.42 -21.56 25.72
CA PRO A 78 -18.84 -21.94 25.74
C PRO A 78 -19.79 -20.85 25.24
N LYS A 79 -19.45 -19.59 25.45
CA LYS A 79 -20.31 -18.50 25.00
C LYS A 79 -20.17 -18.21 23.50
N ARG A 80 -18.95 -18.33 22.98
CA ARG A 80 -18.67 -18.03 21.59
C ARG A 80 -18.86 -19.23 20.68
N PHE A 81 -18.74 -20.43 21.26
CA PHE A 81 -19.01 -21.67 20.54
C PHE A 81 -20.03 -22.51 21.32
N PRO A 82 -21.31 -22.05 21.38
CA PRO A 82 -22.26 -22.72 22.28
C PRO A 82 -22.56 -24.19 21.92
N HIS A 83 -22.48 -24.55 20.64
CA HIS A 83 -22.77 -25.93 20.22
C HIS A 83 -21.55 -26.85 20.19
N GLY A 84 -20.37 -26.26 20.29
CA GLY A 84 -19.13 -27.04 20.32
C GLY A 84 -18.56 -27.26 18.92
N ILE A 85 -17.37 -27.86 18.87
CA ILE A 85 -16.63 -28.02 17.62
C ILE A 85 -17.21 -29.10 16.70
N PRO A 86 -17.61 -30.27 17.26
CA PRO A 86 -18.25 -31.26 16.38
C PRO A 86 -19.41 -30.68 15.56
N PHE A 87 -20.26 -29.86 16.19
CA PHE A 87 -21.32 -29.14 15.48
C PHE A 87 -20.77 -28.35 14.29
N LEU A 88 -19.71 -27.59 14.55
CA LEU A 88 -19.11 -26.75 13.52
C LEU A 88 -18.50 -27.60 12.41
N ALA A 89 -17.79 -28.66 12.80
CA ALA A 89 -17.19 -29.60 11.86
C ALA A 89 -18.25 -30.25 10.97
N ASP A 90 -19.32 -30.75 11.60
CA ASP A 90 -20.44 -31.36 10.88
C ASP A 90 -21.13 -30.37 9.94
N TYR A 91 -21.27 -29.13 10.38
CA TYR A 91 -21.84 -28.07 9.55
C TYR A 91 -20.99 -27.79 8.32
N VAL A 92 -19.68 -27.67 8.54
CA VAL A 92 -18.74 -27.39 7.47
C VAL A 92 -18.68 -28.56 6.46
N HIS A 93 -18.67 -29.79 6.99
CA HIS A 93 -18.69 -30.98 6.13
C HIS A 93 -19.97 -31.09 5.31
N SER A 94 -21.10 -30.65 5.87
CA SER A 94 -22.38 -30.71 5.15
C SER A 94 -22.38 -29.79 3.92
N LEU A 95 -21.49 -28.79 3.93
CA LEU A 95 -21.37 -27.86 2.81
C LEU A 95 -20.21 -28.22 1.88
N GLY A 96 -19.63 -29.40 2.07
CA GLY A 96 -18.56 -29.89 1.20
C GLY A 96 -17.22 -29.24 1.50
N LEU A 97 -17.07 -28.74 2.73
CA LEU A 97 -15.86 -28.06 3.13
C LEU A 97 -15.12 -28.85 4.22
N LYS A 98 -13.91 -28.41 4.54
CA LYS A 98 -13.09 -29.05 5.57
C LYS A 98 -12.83 -28.04 6.67
N LEU A 99 -12.62 -28.53 7.89
CA LEU A 99 -12.43 -27.63 9.03
C LEU A 99 -11.01 -27.73 9.60
N GLY A 100 -10.39 -26.59 9.81
CA GLY A 100 -9.06 -26.54 10.44
C GLY A 100 -9.16 -25.93 11.81
N ILE A 101 -8.26 -26.35 12.68
CA ILE A 101 -8.23 -25.84 14.03
C ILE A 101 -6.79 -25.48 14.40
N TYR A 102 -6.63 -24.85 15.57
CA TYR A 102 -5.37 -24.29 15.99
C TYR A 102 -5.04 -24.74 17.41
N ALA A 103 -3.77 -25.07 17.61
CA ALA A 103 -3.25 -25.41 18.94
C ALA A 103 -1.83 -24.88 19.03
N ASP A 104 -1.25 -24.91 20.23
CA ASP A 104 0.09 -24.40 20.40
C ASP A 104 0.93 -25.41 21.18
N MET A 105 2.06 -25.78 20.58
CA MET A 105 3.05 -26.66 21.20
C MET A 105 3.85 -25.85 22.22
N GLY A 106 3.35 -25.83 23.45
CA GLY A 106 3.91 -24.98 24.51
C GLY A 106 2.91 -24.77 25.62
N ASN A 107 3.26 -23.92 26.59
CA ASN A 107 2.41 -23.68 27.76
C ASN A 107 1.10 -22.97 27.44
N PHE A 108 1.15 -22.04 26.48
CA PHE A 108 0.00 -21.25 26.08
C PHE A 108 0.03 -21.00 24.58
N THR A 109 -1.11 -20.65 24.01
CA THR A 109 -1.12 -20.13 22.64
C THR A 109 -0.47 -18.74 22.66
N CYS A 110 -0.16 -18.20 21.50
CA CYS A 110 0.46 -16.87 21.46
C CYS A 110 -0.41 -15.79 22.11
N MET A 111 -1.73 -15.96 22.10
CA MET A 111 -2.63 -15.04 22.80
C MET A 111 -2.91 -15.42 24.26
N GLY A 112 -2.24 -16.47 24.76
CA GLY A 112 -2.32 -16.83 26.18
C GLY A 112 -3.40 -17.84 26.55
N TYR A 113 -3.99 -18.47 25.54
CA TYR A 113 -4.99 -19.51 25.76
C TYR A 113 -4.32 -20.85 26.07
N PRO A 114 -5.03 -21.80 26.71
CA PRO A 114 -4.42 -23.07 27.13
C PRO A 114 -3.56 -23.73 26.05
N GLY A 115 -2.33 -24.07 26.39
CA GLY A 115 -1.41 -24.69 25.43
C GLY A 115 -1.49 -26.21 25.41
N THR A 116 -1.00 -26.78 24.32
CA THR A 116 -0.84 -28.23 24.17
C THR A 116 0.60 -28.55 24.52
N THR A 117 0.81 -28.81 25.82
CA THR A 117 2.12 -29.20 26.31
C THR A 117 2.40 -30.64 25.93
N LEU A 118 3.65 -31.07 26.10
CA LEU A 118 4.06 -32.42 25.70
C LEU A 118 3.13 -33.53 26.20
N ASP A 119 2.72 -33.44 27.47
CA ASP A 119 1.83 -34.44 28.06
C ASP A 119 0.35 -34.35 27.61
N LYS A 120 0.05 -33.36 26.76
CA LYS A 120 -1.32 -33.19 26.25
C LYS A 120 -1.41 -33.46 24.76
N VAL A 121 -0.26 -33.67 24.12
CA VAL A 121 -0.17 -33.87 22.66
C VAL A 121 -1.09 -34.99 22.17
N VAL A 122 -0.97 -36.16 22.78
CA VAL A 122 -1.73 -37.33 22.35
C VAL A 122 -3.23 -37.12 22.57
N GLN A 123 -3.60 -36.70 23.78
CA GLN A 123 -5.00 -36.40 24.13
C GLN A 123 -5.63 -35.37 23.18
N ASP A 124 -4.91 -34.29 22.90
CA ASP A 124 -5.45 -33.24 22.04
C ASP A 124 -5.61 -33.73 20.60
N ALA A 125 -4.65 -34.50 20.11
CA ALA A 125 -4.75 -35.13 18.79
C ALA A 125 -5.99 -36.03 18.69
N GLN A 126 -6.20 -36.82 19.73
CA GLN A 126 -7.36 -37.72 19.77
C GLN A 126 -8.67 -36.93 19.79
N THR A 127 -8.68 -35.82 20.52
CA THR A 127 -9.83 -34.94 20.62
C THR A 127 -10.18 -34.34 19.25
N PHE A 128 -9.16 -33.82 18.55
CA PHE A 128 -9.35 -33.22 17.23
C PHE A 128 -9.89 -34.22 16.21
N ALA A 129 -9.37 -35.45 16.26
CA ALA A 129 -9.83 -36.52 15.38
C ALA A 129 -11.27 -36.92 15.69
N GLU A 130 -11.60 -36.99 16.98
CA GLU A 130 -12.96 -37.30 17.41
C GLU A 130 -13.94 -36.23 16.94
N TRP A 131 -13.50 -34.98 16.97
CA TRP A 131 -14.29 -33.84 16.48
C TRP A 131 -14.42 -33.83 14.96
N LYS A 132 -13.60 -34.64 14.29
CA LYS A 132 -13.58 -34.74 12.82
C LYS A 132 -12.99 -33.51 12.13
N VAL A 133 -12.01 -32.92 12.80
CA VAL A 133 -11.18 -31.85 12.26
C VAL A 133 -10.36 -32.39 11.08
N ASP A 134 -10.08 -31.54 10.09
CA ASP A 134 -9.36 -31.95 8.89
C ASP A 134 -7.95 -31.36 8.75
N MET A 135 -7.63 -30.37 9.58
CA MET A 135 -6.33 -29.71 9.54
C MET A 135 -5.98 -29.14 10.90
N LEU A 136 -4.70 -29.23 11.26
CA LEU A 136 -4.21 -28.64 12.48
C LEU A 136 -3.05 -27.69 12.18
N LYS A 137 -3.16 -26.47 12.70
CA LYS A 137 -2.07 -25.52 12.72
C LYS A 137 -1.49 -25.57 14.12
N LEU A 138 -0.25 -26.03 14.23
CA LEU A 138 0.42 -26.09 15.53
C LEU A 138 1.48 -25.01 15.67
N ASP A 139 1.12 -23.99 16.45
CA ASP A 139 1.98 -22.84 16.73
C ASP A 139 3.00 -23.24 17.80
N GLY A 140 4.00 -22.39 18.01
CA GLY A 140 5.11 -22.76 18.89
C GLY A 140 5.48 -21.77 20.00
N CYS A 141 4.55 -20.89 20.36
CA CYS A 141 4.78 -19.93 21.45
C CYS A 141 4.96 -20.64 22.80
N PHE A 142 5.62 -19.96 23.72
CA PHE A 142 5.79 -20.42 25.11
C PHE A 142 6.35 -21.84 25.26
N SER A 143 7.35 -22.15 24.44
CA SER A 143 8.07 -23.42 24.50
C SER A 143 9.58 -23.19 24.36
N THR A 144 10.36 -24.22 24.65
CA THR A 144 11.80 -24.22 24.41
C THR A 144 12.09 -24.91 23.07
N PRO A 145 13.31 -24.70 22.50
CA PRO A 145 13.69 -25.42 21.28
C PRO A 145 13.62 -26.95 21.42
N GLU A 146 14.03 -27.49 22.56
CA GLU A 146 13.97 -28.95 22.77
C GLU A 146 12.54 -29.49 22.93
N GLU A 147 11.65 -28.67 23.48
CA GLU A 147 10.24 -29.03 23.58
C GLU A 147 9.62 -29.14 22.19
N ARG A 148 9.92 -28.17 21.33
CA ARG A 148 9.46 -28.18 19.95
C ARG A 148 10.04 -29.38 19.18
N ALA A 149 11.32 -29.67 19.42
CA ALA A 149 12.01 -30.78 18.76
C ALA A 149 11.38 -32.14 19.10
N GLN A 150 10.85 -32.26 20.30
CA GLN A 150 10.11 -33.45 20.69
C GLN A 150 8.66 -33.38 20.23
N GLY A 151 8.05 -32.21 20.40
CA GLY A 151 6.61 -32.02 20.27
C GLY A 151 6.03 -32.11 18.88
N TYR A 152 6.72 -31.54 17.90
CA TYR A 152 6.24 -31.59 16.53
C TYR A 152 6.22 -33.01 15.92
N PRO A 153 7.32 -33.78 16.09
CA PRO A 153 7.28 -35.20 15.69
C PRO A 153 6.23 -36.00 16.45
N LYS A 154 6.12 -35.74 17.74
CA LYS A 154 5.14 -36.40 18.61
C LYS A 154 3.70 -36.18 18.12
N MET A 155 3.41 -34.95 17.68
CA MET A 155 2.07 -34.61 17.21
C MET A 155 1.76 -35.25 15.87
N ALA A 156 2.73 -35.25 14.95
CA ALA A 156 2.57 -35.91 13.66
C ALA A 156 2.23 -37.39 13.86
N ALA A 157 2.92 -38.03 14.82
CA ALA A 157 2.70 -39.43 15.17
C ALA A 157 1.35 -39.65 15.84
N ALA A 158 0.97 -38.74 16.75
CA ALA A 158 -0.31 -38.83 17.45
C ALA A 158 -1.49 -38.67 16.48
N LEU A 159 -1.37 -37.73 15.54
CA LEU A 159 -2.40 -37.54 14.52
C LEU A 159 -2.55 -38.77 13.63
N ASN A 160 -1.43 -39.34 13.23
CA ASN A 160 -1.42 -40.54 12.40
C ASN A 160 -2.15 -41.69 13.09
N ALA A 161 -1.82 -41.89 14.37
CA ALA A 161 -2.37 -42.97 15.16
C ALA A 161 -3.89 -42.91 15.33
N THR A 162 -4.49 -41.72 15.22
CA THR A 162 -5.94 -41.59 15.34
C THR A 162 -6.65 -42.25 14.15
N GLY A 163 -5.93 -42.42 13.06
CA GLY A 163 -6.50 -43.00 11.83
C GLY A 163 -7.24 -42.02 10.94
N ARG A 164 -7.46 -40.81 11.43
CA ARG A 164 -8.10 -39.77 10.61
C ARG A 164 -7.04 -38.97 9.83
N PRO A 165 -7.23 -38.83 8.50
CA PRO A 165 -6.38 -37.92 7.72
C PRO A 165 -6.54 -36.49 8.23
N ILE A 166 -5.46 -35.92 8.76
CA ILE A 166 -5.46 -34.54 9.24
C ILE A 166 -4.22 -33.82 8.70
N ALA A 167 -4.45 -32.82 7.87
CA ALA A 167 -3.37 -32.00 7.32
C ALA A 167 -2.63 -31.29 8.44
N PHE A 168 -1.30 -31.35 8.43
CA PHE A 168 -0.49 -30.83 9.53
C PHE A 168 0.32 -29.61 9.07
N SER A 169 -0.04 -28.45 9.61
CA SER A 169 0.64 -27.19 9.37
C SER A 169 1.48 -26.86 10.61
N CYS A 170 2.81 -26.81 10.45
CA CYS A 170 3.74 -26.58 11.57
C CYS A 170 4.38 -25.20 11.54
N SER A 171 4.50 -24.55 12.69
CA SER A 171 5.17 -23.25 12.79
C SER A 171 6.59 -23.38 13.35
N TRP A 172 7.02 -24.61 13.58
CA TRP A 172 8.33 -24.94 14.16
C TRP A 172 9.51 -24.11 13.60
N PRO A 173 9.71 -24.09 12.26
CA PRO A 173 10.89 -23.38 11.72
C PRO A 173 10.89 -21.87 11.93
N ALA A 174 9.72 -21.24 11.96
CA ALA A 174 9.62 -19.79 12.24
C ALA A 174 10.25 -19.43 13.59
N TYR A 175 10.13 -20.30 14.57
CA TYR A 175 10.66 -20.05 15.91
C TYR A 175 12.17 -20.30 16.04
N GLU A 176 12.76 -20.90 15.01
CA GLU A 176 14.19 -21.23 15.01
C GLU A 176 14.96 -20.45 13.94
N GLY A 177 14.37 -19.39 13.40
CA GLY A 177 15.04 -18.53 12.43
C GLY A 177 14.81 -18.93 10.97
N GLY A 178 14.17 -20.08 10.76
CA GLY A 178 13.76 -20.51 9.41
C GLY A 178 14.84 -21.10 8.51
N LEU A 179 16.07 -21.21 9.02
CA LEU A 179 17.19 -21.61 8.17
C LEU A 179 18.12 -22.66 8.81
N PRO A 180 18.87 -23.40 7.97
CA PRO A 180 19.95 -24.25 8.49
C PRO A 180 21.01 -23.41 9.21
N PRO A 181 21.73 -23.99 10.19
CA PRO A 181 21.66 -25.37 10.68
C PRO A 181 20.51 -25.68 11.64
N ARG A 182 19.84 -24.65 12.17
CA ARG A 182 18.83 -24.88 13.22
C ARG A 182 17.56 -25.55 12.69
N VAL A 183 17.18 -25.22 11.45
CA VAL A 183 16.07 -25.88 10.79
C VAL A 183 16.58 -26.99 9.86
N GLN A 184 16.04 -28.20 10.03
CA GLN A 184 16.35 -29.33 9.18
C GLN A 184 15.14 -29.58 8.30
N TYR A 185 15.24 -29.21 7.03
CA TYR A 185 14.10 -29.27 6.13
C TYR A 185 13.69 -30.66 5.65
N SER A 186 14.66 -31.58 5.56
CA SER A 186 14.36 -32.97 5.25
C SER A 186 13.52 -33.59 6.37
N LEU A 187 13.88 -33.27 7.62
CA LEU A 187 13.11 -33.71 8.78
C LEU A 187 11.69 -33.12 8.77
N LEU A 188 11.58 -31.80 8.60
CA LEU A 188 10.29 -31.12 8.51
C LEU A 188 9.36 -31.72 7.46
N ALA A 189 9.92 -31.98 6.27
CA ALA A 189 9.15 -32.57 5.18
C ALA A 189 8.59 -33.95 5.52
N ASP A 190 9.25 -34.67 6.42
CA ASP A 190 8.78 -35.99 6.87
C ASP A 190 7.66 -35.91 7.90
N ILE A 191 7.55 -34.78 8.60
CA ILE A 191 6.57 -34.68 9.69
C ILE A 191 5.44 -33.66 9.48
N CYS A 192 5.56 -32.79 8.48
CA CYS A 192 4.60 -31.71 8.26
C CYS A 192 4.16 -31.64 6.80
N ASN A 193 2.92 -31.23 6.57
CA ASN A 193 2.38 -31.00 5.21
C ASN A 193 2.74 -29.61 4.68
N LEU A 194 2.96 -28.69 5.61
CA LEU A 194 3.34 -27.32 5.28
C LEU A 194 3.89 -26.69 6.55
N TRP A 195 4.74 -25.68 6.39
CA TRP A 195 5.39 -25.03 7.53
C TRP A 195 5.54 -23.52 7.33
N ARG A 196 5.26 -22.78 8.39
CA ARG A 196 5.53 -21.35 8.42
C ARG A 196 7.03 -21.14 8.70
N ASN A 197 7.75 -20.63 7.71
CA ASN A 197 9.21 -20.39 7.81
C ASN A 197 9.55 -19.08 8.49
N TYR A 198 8.65 -18.11 8.37
CA TYR A 198 9.03 -16.72 8.58
C TYR A 198 7.95 -15.90 9.30
N ASP A 199 8.16 -14.59 9.36
CA ASP A 199 7.32 -13.65 10.12
C ASP A 199 5.84 -13.69 9.72
N ASP A 200 4.99 -13.38 10.69
CA ASP A 200 3.56 -13.19 10.44
C ASP A 200 3.35 -12.10 9.41
N ILE A 201 2.48 -12.37 8.44
CA ILE A 201 2.11 -11.31 7.51
C ILE A 201 1.23 -10.26 8.22
N GLN A 202 1.48 -8.99 7.91
CA GLN A 202 0.59 -7.92 8.37
C GLN A 202 -0.07 -7.26 7.16
N ASP A 203 -1.15 -6.51 7.37
CA ASP A 203 -1.90 -5.89 6.26
C ASP A 203 -1.17 -4.64 5.74
N SER A 204 -0.04 -4.88 5.08
CA SER A 204 0.76 -3.81 4.48
C SER A 204 1.59 -4.38 3.35
N TRP A 205 1.87 -3.53 2.37
CA TRP A 205 2.75 -3.88 1.27
C TRP A 205 4.19 -4.10 1.76
N TRP A 206 4.61 -3.30 2.73
CA TRP A 206 5.92 -3.50 3.36
C TRP A 206 6.10 -4.93 3.88
N SER A 207 5.05 -5.46 4.51
CA SER A 207 5.07 -6.82 5.08
C SER A 207 5.21 -7.86 3.97
N VAL A 208 4.46 -7.68 2.89
CA VAL A 208 4.53 -8.57 1.74
C VAL A 208 5.94 -8.61 1.14
N LEU A 209 6.52 -7.43 0.92
CA LEU A 209 7.88 -7.31 0.39
C LEU A 209 8.93 -7.93 1.32
N SER A 210 8.74 -7.73 2.62
CA SER A 210 9.64 -8.28 3.64
C SER A 210 9.68 -9.82 3.58
N ILE A 211 8.50 -10.42 3.46
CA ILE A 211 8.39 -11.87 3.33
C ILE A 211 8.94 -12.32 1.98
N LEU A 212 8.51 -11.66 0.91
CA LEU A 212 9.00 -11.94 -0.44
C LEU A 212 10.52 -11.91 -0.50
N ASN A 213 11.13 -10.84 0.03
CA ASN A 213 12.59 -10.67 0.05
C ASN A 213 13.32 -11.79 0.78
N TRP A 214 12.76 -12.22 1.90
CA TRP A 214 13.36 -13.29 2.69
C TRP A 214 13.32 -14.61 1.94
N PHE A 215 12.17 -14.92 1.32
CA PHE A 215 12.04 -16.15 0.53
C PHE A 215 12.94 -16.16 -0.71
N VAL A 216 13.10 -15.00 -1.34
CA VAL A 216 13.99 -14.88 -2.49
C VAL A 216 15.48 -14.93 -2.12
N GLU A 217 15.86 -14.25 -1.05
CA GLU A 217 17.24 -14.31 -0.56
C GLU A 217 17.68 -15.74 -0.26
N HIS A 218 16.74 -16.55 0.25
CA HIS A 218 17.06 -17.89 0.68
C HIS A 218 16.47 -18.98 -0.21
N GLN A 219 16.19 -18.62 -1.47
CA GLN A 219 15.51 -19.54 -2.39
C GLN A 219 16.32 -20.80 -2.77
N ASP A 220 17.64 -20.71 -2.77
CA ASP A 220 18.50 -21.89 -3.01
C ASP A 220 18.27 -22.99 -1.98
N ILE A 221 17.95 -22.58 -0.75
CA ILE A 221 17.62 -23.50 0.34
C ILE A 221 16.15 -23.93 0.30
N LEU A 222 15.26 -22.96 0.09
CA LEU A 222 13.82 -23.17 0.26
C LEU A 222 13.12 -23.78 -0.95
N GLN A 223 13.55 -23.40 -2.14
CA GLN A 223 12.89 -23.88 -3.37
C GLN A 223 12.85 -25.41 -3.50
N PRO A 224 14.00 -26.10 -3.28
CA PRO A 224 14.03 -27.55 -3.50
C PRO A 224 13.27 -28.39 -2.47
N VAL A 225 13.03 -27.84 -1.27
CA VAL A 225 12.36 -28.60 -0.21
C VAL A 225 10.84 -28.69 -0.38
N ALA A 226 10.28 -27.86 -1.25
CA ALA A 226 8.84 -27.86 -1.50
C ALA A 226 8.43 -28.89 -2.56
N GLY A 227 7.29 -29.51 -2.35
CA GLY A 227 6.73 -30.46 -3.30
C GLY A 227 5.43 -31.06 -2.79
N PRO A 228 4.78 -31.92 -3.60
CA PRO A 228 3.52 -32.52 -3.20
C PRO A 228 3.59 -33.10 -1.79
N GLY A 229 2.70 -32.63 -0.92
CA GLY A 229 2.63 -33.13 0.45
C GLY A 229 3.44 -32.36 1.47
N HIS A 230 4.26 -31.41 1.01
CA HIS A 230 5.16 -30.65 1.89
C HIS A 230 5.57 -29.27 1.34
N TRP A 231 4.87 -28.23 1.77
CA TRP A 231 5.00 -26.87 1.22
C TRP A 231 5.64 -25.86 2.16
N ASN A 232 6.33 -24.87 1.59
CA ASN A 232 6.69 -23.66 2.31
C ASN A 232 5.44 -22.79 2.45
N ASP A 233 5.30 -22.12 3.59
CA ASP A 233 4.14 -21.28 3.84
C ASP A 233 4.58 -19.85 4.20
N PRO A 234 4.48 -18.92 3.22
CA PRO A 234 4.84 -17.51 3.40
C PRO A 234 3.74 -16.74 4.14
N ASP A 235 2.66 -17.43 4.49
CA ASP A 235 1.53 -16.91 5.26
C ASP A 235 0.37 -16.42 4.38
N MET A 236 -0.67 -15.86 5.03
CA MET A 236 -1.97 -15.59 4.39
C MET A 236 -1.97 -14.55 3.27
N LEU A 237 -2.94 -14.68 2.37
CA LEU A 237 -3.23 -13.65 1.38
C LEU A 237 -3.93 -12.48 2.03
N LEU A 238 -3.58 -11.27 1.61
CA LEU A 238 -4.14 -10.04 2.17
C LEU A 238 -5.26 -9.48 1.31
N ILE A 239 -5.51 -10.17 0.21
CA ILE A 239 -6.47 -9.72 -0.80
C ILE A 239 -7.90 -9.60 -0.23
N GLY A 240 -8.44 -8.39 -0.27
CA GLY A 240 -9.78 -8.12 0.24
C GLY A 240 -9.75 -7.23 1.47
N ASN A 241 -8.55 -6.96 1.97
CA ASN A 241 -8.41 -6.18 3.19
C ASN A 241 -8.07 -4.70 2.98
N PHE A 242 -7.26 -4.12 3.86
CA PHE A 242 -7.15 -2.66 3.93
C PHE A 242 -5.84 -2.08 3.39
N GLY A 243 -4.78 -2.89 3.44
CA GLY A 243 -3.43 -2.40 3.20
C GLY A 243 -2.95 -2.39 1.76
N LEU A 244 -3.52 -3.26 0.91
CA LEU A 244 -3.01 -3.43 -0.45
C LEU A 244 -3.84 -2.67 -1.48
N SER A 245 -3.17 -1.99 -2.39
CA SER A 245 -3.79 -1.43 -3.59
C SER A 245 -4.17 -2.55 -4.56
N LEU A 246 -4.89 -2.21 -5.63
CA LEU A 246 -5.24 -3.20 -6.65
C LEU A 246 -4.01 -3.89 -7.26
N GLU A 247 -3.01 -3.12 -7.67
CA GLU A 247 -1.78 -3.67 -8.26
C GLU A 247 -1.05 -4.61 -7.31
N GLN A 248 -1.01 -4.20 -6.05
CA GLN A 248 -0.37 -4.98 -5.00
C GLN A 248 -1.12 -6.28 -4.70
N SER A 249 -2.46 -6.22 -4.79
CA SER A 249 -3.31 -7.40 -4.58
C SER A 249 -3.08 -8.43 -5.68
N ARG A 250 -3.08 -7.95 -6.93
CA ARG A 250 -2.73 -8.79 -8.06
C ARG A 250 -1.30 -9.34 -7.94
N ALA A 251 -0.37 -8.52 -7.44
CA ALA A 251 1.01 -8.94 -7.22
C ALA A 251 1.14 -10.08 -6.19
N GLN A 252 0.51 -9.94 -5.03
CA GLN A 252 0.62 -11.00 -4.02
C GLN A 252 0.06 -12.33 -4.53
N MET A 253 -1.08 -12.27 -5.23
CA MET A 253 -1.69 -13.48 -5.78
C MET A 253 -0.75 -14.18 -6.76
N ALA A 254 -0.11 -13.40 -7.65
CA ALA A 254 0.79 -13.94 -8.66
C ALA A 254 2.05 -14.53 -8.04
N LEU A 255 2.60 -13.83 -7.04
CA LEU A 255 3.85 -14.24 -6.41
C LEU A 255 3.70 -15.45 -5.49
N TRP A 256 2.61 -15.49 -4.72
CA TRP A 256 2.27 -16.69 -3.95
C TRP A 256 2.06 -17.89 -4.88
N THR A 257 1.46 -17.64 -6.03
CA THR A 257 1.23 -18.71 -7.00
C THR A 257 2.53 -19.26 -7.60
N VAL A 258 3.48 -18.39 -7.97
CA VAL A 258 4.76 -18.90 -8.50
C VAL A 258 5.63 -19.56 -7.44
N LEU A 259 5.37 -19.23 -6.17
CA LEU A 259 6.10 -19.84 -5.06
C LEU A 259 5.46 -21.14 -4.55
N ALA A 260 4.44 -21.61 -5.27
CA ALA A 260 3.67 -22.79 -4.86
C ALA A 260 3.25 -22.69 -3.38
N ALA A 261 2.78 -21.51 -3.01
CA ALA A 261 2.30 -21.23 -1.67
C ALA A 261 0.85 -21.68 -1.50
N PRO A 262 0.44 -21.98 -0.27
CA PRO A 262 -0.96 -22.11 0.07
C PRO A 262 -1.71 -20.83 -0.30
N LEU A 263 -2.91 -20.99 -0.86
CA LEU A 263 -3.80 -19.85 -1.07
C LEU A 263 -4.80 -19.80 0.08
N LEU A 264 -4.32 -19.33 1.23
CA LEU A 264 -5.17 -19.18 2.41
C LEU A 264 -5.58 -17.72 2.57
N MET A 265 -6.81 -17.42 2.18
CA MET A 265 -7.40 -16.09 2.34
C MET A 265 -7.63 -15.81 3.82
N SER A 266 -7.75 -14.54 4.14
CA SER A 266 -8.21 -14.11 5.45
C SER A 266 -8.80 -12.73 5.32
N THR A 267 -10.09 -12.72 5.01
CA THR A 267 -10.79 -11.50 4.62
C THR A 267 -12.29 -11.69 4.89
N ASP A 268 -13.03 -10.59 4.96
CA ASP A 268 -14.47 -10.72 5.16
C ASP A 268 -15.14 -11.09 3.85
N LEU A 269 -15.47 -12.38 3.70
CA LEU A 269 -16.12 -12.88 2.48
C LEU A 269 -17.55 -12.37 2.35
N ARG A 270 -18.10 -11.82 3.43
CA ARG A 270 -19.44 -11.26 3.40
C ARG A 270 -19.49 -9.94 2.63
N THR A 271 -18.36 -9.22 2.58
CA THR A 271 -18.33 -7.88 2.00
C THR A 271 -17.25 -7.70 0.93
N ILE A 272 -16.58 -8.79 0.56
CA ILE A 272 -15.50 -8.75 -0.44
C ILE A 272 -16.00 -8.17 -1.78
N SER A 273 -15.21 -7.27 -2.35
CA SER A 273 -15.58 -6.61 -3.61
C SER A 273 -15.48 -7.58 -4.80
N ALA A 274 -16.18 -7.25 -5.88
CA ALA A 274 -16.11 -8.05 -7.10
C ALA A 274 -14.68 -8.10 -7.63
N GLN A 275 -13.98 -6.97 -7.56
CA GLN A 275 -12.63 -6.86 -8.07
C GLN A 275 -11.64 -7.78 -7.33
N ASN A 276 -11.75 -7.86 -6.01
CA ASN A 276 -10.91 -8.77 -5.24
C ASN A 276 -11.32 -10.24 -5.38
N MET A 277 -12.61 -10.47 -5.57
CA MET A 277 -13.10 -11.83 -5.83
C MET A 277 -12.55 -12.34 -7.16
N ASP A 278 -12.57 -11.48 -8.18
CA ASP A 278 -11.99 -11.78 -9.50
C ASP A 278 -10.52 -12.18 -9.43
N ILE A 279 -9.77 -11.57 -8.51
CA ILE A 279 -8.37 -11.92 -8.31
C ILE A 279 -8.26 -13.34 -7.75
N LEU A 280 -8.94 -13.59 -6.64
CA LEU A 280 -8.80 -14.84 -5.89
C LEU A 280 -9.42 -16.04 -6.60
N GLN A 281 -10.38 -15.78 -7.48
CA GLN A 281 -11.10 -16.84 -8.20
C GLN A 281 -10.66 -16.97 -9.66
N ASN A 282 -9.55 -16.32 -10.02
CA ASN A 282 -8.97 -16.44 -11.36
C ASN A 282 -8.62 -17.91 -11.63
N PRO A 283 -9.31 -18.53 -12.62
CA PRO A 283 -9.18 -19.97 -12.85
C PRO A 283 -7.80 -20.42 -13.31
N LEU A 284 -7.16 -19.62 -14.18
CA LEU A 284 -5.82 -19.94 -14.65
C LEU A 284 -4.79 -19.78 -13.53
N MET A 285 -4.95 -18.74 -12.72
CA MET A 285 -4.09 -18.55 -11.55
C MET A 285 -4.11 -19.76 -10.63
N ILE A 286 -5.32 -20.22 -10.30
CA ILE A 286 -5.51 -21.38 -9.42
C ILE A 286 -4.94 -22.63 -10.09
N LYS A 287 -5.21 -22.80 -11.38
CA LYS A 287 -4.65 -23.91 -12.16
C LYS A 287 -3.12 -23.97 -12.01
N ILE A 288 -2.47 -22.81 -12.13
CA ILE A 288 -1.02 -22.71 -11.97
C ILE A 288 -0.61 -23.05 -10.54
N ASN A 289 -1.30 -22.47 -9.56
CA ASN A 289 -0.99 -22.75 -8.15
C ASN A 289 -1.15 -24.24 -7.85
N GLN A 290 -2.18 -24.85 -8.40
CA GLN A 290 -2.51 -26.26 -8.17
C GLN A 290 -1.83 -27.23 -9.12
N ASP A 291 -0.76 -26.79 -9.80
CA ASP A 291 -0.05 -27.65 -10.75
C ASP A 291 0.42 -28.96 -10.10
N PRO A 292 0.11 -30.11 -10.73
CA PRO A 292 0.40 -31.43 -10.15
C PRO A 292 1.88 -31.70 -9.85
N LEU A 293 2.80 -31.04 -10.56
CA LEU A 293 4.23 -31.24 -10.30
C LEU A 293 4.68 -30.67 -8.96
N GLY A 294 3.98 -29.62 -8.50
CA GLY A 294 4.28 -28.96 -7.24
C GLY A 294 5.70 -28.45 -7.10
N ILE A 295 6.25 -27.94 -8.20
CA ILE A 295 7.60 -27.39 -8.20
C ILE A 295 7.54 -25.90 -7.87
N GLN A 296 8.12 -25.52 -6.74
CA GLN A 296 8.18 -24.13 -6.33
C GLN A 296 9.04 -23.33 -7.31
N GLY A 297 8.57 -22.16 -7.70
CA GLY A 297 9.31 -21.27 -8.59
C GLY A 297 10.46 -20.53 -7.94
N ARG A 298 11.20 -19.78 -8.75
N ARG A 298 11.17 -19.76 -8.75
CA ARG A 298 12.35 -19.01 -8.30
CA ARG A 298 12.32 -18.99 -8.32
C ARG A 298 12.33 -17.65 -9.00
C ARG A 298 12.28 -17.62 -8.98
N ARG A 299 12.98 -16.66 -8.40
CA ARG A 299 13.30 -15.41 -9.11
C ARG A 299 14.47 -15.76 -10.01
N ILE A 300 14.34 -15.52 -11.31
CA ILE A 300 15.38 -15.90 -12.27
C ILE A 300 16.15 -14.70 -12.82
N HIS A 301 15.60 -13.50 -12.65
CA HIS A 301 16.24 -12.29 -13.15
C HIS A 301 15.91 -11.08 -12.30
N LYS A 302 16.90 -10.20 -12.14
CA LYS A 302 16.75 -8.95 -11.40
C LYS A 302 17.50 -7.85 -12.17
N GLU A 303 16.76 -6.83 -12.58
CA GLU A 303 17.32 -5.72 -13.38
C GLU A 303 17.59 -4.50 -12.50
N LYS A 304 18.51 -3.65 -12.94
CA LYS A 304 18.73 -2.37 -12.25
C LYS A 304 17.55 -1.41 -12.44
N SER A 305 16.73 -1.69 -13.45
CA SER A 305 15.46 -0.99 -13.66
C SER A 305 14.42 -1.37 -12.61
N LEU A 306 14.80 -2.26 -11.68
CA LEU A 306 13.95 -2.75 -10.58
C LEU A 306 12.78 -3.65 -11.03
N ILE A 307 12.90 -4.20 -12.23
CA ILE A 307 11.99 -5.26 -12.69
C ILE A 307 12.60 -6.61 -12.30
N GLU A 308 11.81 -7.42 -11.61
CA GLU A 308 12.20 -8.79 -11.26
C GLU A 308 11.40 -9.77 -12.10
N VAL A 309 12.03 -10.87 -12.48
CA VAL A 309 11.34 -11.96 -13.20
C VAL A 309 11.38 -13.26 -12.42
N TYR A 310 10.20 -13.83 -12.19
CA TYR A 310 10.05 -15.10 -11.51
C TYR A 310 9.60 -16.14 -12.52
N MET A 311 10.03 -17.39 -12.31
CA MET A 311 9.65 -18.48 -13.18
C MET A 311 9.31 -19.73 -12.38
N ARG A 312 8.16 -20.33 -12.71
CA ARG A 312 7.77 -21.61 -12.13
C ARG A 312 7.53 -22.66 -13.22
N PRO A 313 8.24 -23.80 -13.14
CA PRO A 313 8.00 -24.91 -14.07
C PRO A 313 6.66 -25.59 -13.78
N LEU A 314 5.96 -25.95 -14.84
CA LEU A 314 4.63 -26.55 -14.74
C LEU A 314 4.56 -27.86 -15.52
N SER A 315 3.45 -28.59 -15.38
CA SER A 315 3.28 -29.84 -16.13
C SER A 315 3.04 -29.56 -17.62
N ASN A 316 3.26 -30.57 -18.46
CA ASN A 316 3.14 -30.45 -19.92
C ASN A 316 4.12 -29.46 -20.55
N LYS A 317 5.31 -29.36 -19.96
CA LYS A 317 6.39 -28.48 -20.45
C LYS A 317 6.02 -26.99 -20.44
N ALA A 318 4.98 -26.64 -19.68
CA ALA A 318 4.54 -25.26 -19.56
C ALA A 318 5.29 -24.54 -18.44
N SER A 319 5.19 -23.21 -18.43
CA SER A 319 5.84 -22.38 -17.40
C SER A 319 4.95 -21.22 -17.00
N ALA A 320 5.16 -20.72 -15.79
CA ALA A 320 4.60 -19.46 -15.35
C ALA A 320 5.72 -18.42 -15.22
N LEU A 321 5.51 -17.25 -15.82
CA LEU A 321 6.41 -16.12 -15.67
C LEU A 321 5.70 -14.97 -14.97
N VAL A 322 6.32 -14.45 -13.92
CA VAL A 322 5.84 -13.22 -13.28
C VAL A 322 6.86 -12.10 -13.49
N PHE A 323 6.42 -11.06 -14.20
CA PHE A 323 7.21 -9.84 -14.35
C PHE A 323 6.74 -8.86 -13.28
N PHE A 324 7.63 -8.57 -12.33
CA PHE A 324 7.27 -7.85 -11.12
C PHE A 324 8.04 -6.53 -11.02
N SER A 325 7.31 -5.42 -10.91
CA SER A 325 7.92 -4.11 -10.78
C SER A 325 8.04 -3.68 -9.32
N CYS A 326 9.28 -3.49 -8.88
CA CYS A 326 9.57 -2.91 -7.58
C CYS A 326 9.71 -1.39 -7.68
N ARG A 327 9.43 -0.84 -8.86
CA ARG A 327 9.50 0.60 -9.07
C ARG A 327 8.36 1.30 -8.33
N THR A 328 8.57 2.57 -7.99
CA THR A 328 7.54 3.36 -7.32
C THR A 328 7.26 4.67 -8.06
N ASP A 329 7.40 4.64 -9.39
CA ASP A 329 7.20 5.85 -10.18
C ASP A 329 5.97 5.76 -11.11
N MET A 330 6.08 4.98 -12.17
CA MET A 330 5.01 4.88 -13.17
C MET A 330 5.10 3.58 -13.96
N PRO A 331 4.10 3.31 -14.83
CA PRO A 331 4.18 2.11 -15.65
C PRO A 331 5.53 2.01 -16.35
N TYR A 332 6.06 0.80 -16.44
CA TYR A 332 7.34 0.58 -17.07
C TYR A 332 7.19 -0.41 -18.22
N ARG A 333 7.72 -0.02 -19.38
CA ARG A 333 7.73 -0.88 -20.55
C ARG A 333 9.00 -1.73 -20.52
N TYR A 334 8.82 -2.99 -20.16
CA TYR A 334 9.94 -3.91 -19.98
C TYR A 334 10.16 -4.71 -21.26
N HIS A 335 11.34 -4.52 -21.86
CA HIS A 335 11.71 -5.19 -23.10
C HIS A 335 12.58 -6.39 -22.81
N SER A 336 12.19 -7.53 -23.35
CA SER A 336 12.94 -8.77 -23.14
C SER A 336 12.68 -9.77 -24.26
N SER A 337 13.19 -10.98 -24.07
CA SER A 337 12.95 -12.11 -24.95
C SER A 337 13.12 -13.37 -24.12
N LEU A 338 12.50 -14.46 -24.57
CA LEU A 338 12.58 -15.73 -23.83
C LEU A 338 14.01 -16.26 -23.76
N GLY A 339 14.80 -16.00 -24.80
CA GLY A 339 16.23 -16.34 -24.82
C GLY A 339 17.03 -15.64 -23.74
N GLN A 340 16.63 -14.41 -23.39
CA GLN A 340 17.26 -13.67 -22.31
C GLN A 340 16.79 -14.18 -20.94
N LEU A 341 15.71 -14.95 -20.95
CA LEU A 341 15.17 -15.54 -19.71
C LEU A 341 15.46 -17.05 -19.66
N ASN A 342 16.50 -17.46 -20.39
CA ASN A 342 17.06 -18.83 -20.36
C ASN A 342 16.14 -19.95 -20.84
N PHE A 343 15.42 -19.72 -21.93
CA PHE A 343 14.59 -20.75 -22.55
C PHE A 343 15.32 -21.49 -23.67
N THR A 344 14.96 -22.76 -23.86
CA THR A 344 15.67 -23.66 -24.79
C THR A 344 15.29 -23.41 -26.25
N GLY A 345 16.28 -23.57 -27.14
CA GLY A 345 16.17 -23.23 -28.56
C GLY A 345 15.17 -24.02 -29.40
N SER A 346 14.91 -23.49 -30.60
CA SER A 346 14.02 -24.08 -31.62
C SER A 346 12.53 -24.20 -31.25
N VAL A 347 12.23 -24.27 -29.95
CA VAL A 347 10.84 -24.34 -29.49
C VAL A 347 10.12 -23.02 -29.73
N ILE A 348 8.90 -23.09 -30.27
CA ILE A 348 8.03 -21.93 -30.41
C ILE A 348 7.00 -21.95 -29.28
N TYR A 349 6.78 -20.80 -28.67
CA TYR A 349 5.91 -20.68 -27.50
C TYR A 349 4.68 -19.82 -27.73
N GLU A 350 3.68 -20.02 -26.88
CA GLU A 350 2.54 -19.14 -26.80
C GLU A 350 2.29 -18.80 -25.34
N ALA A 351 1.86 -17.58 -25.09
CA ALA A 351 1.62 -17.08 -23.75
C ALA A 351 0.20 -16.58 -23.59
N GLN A 352 -0.41 -16.94 -22.46
CA GLN A 352 -1.64 -16.28 -22.06
C GLN A 352 -1.37 -15.42 -20.83
N ASP A 353 -1.70 -14.14 -20.95
CA ASP A 353 -1.67 -13.20 -19.84
C ASP A 353 -2.72 -13.62 -18.82
N VAL A 354 -2.28 -13.96 -17.61
CA VAL A 354 -3.17 -14.54 -16.59
C VAL A 354 -4.28 -13.58 -16.16
N TYR A 355 -3.99 -12.28 -16.10
CA TYR A 355 -5.01 -11.31 -15.69
C TYR A 355 -5.90 -10.77 -16.80
N SER A 356 -5.32 -10.51 -17.98
CA SER A 356 -6.09 -9.92 -19.06
C SER A 356 -6.74 -10.97 -19.98
N GLY A 357 -6.19 -12.16 -19.99
CA GLY A 357 -6.66 -13.22 -20.87
C GLY A 357 -6.10 -13.14 -22.28
N ASP A 358 -5.36 -12.07 -22.57
CA ASP A 358 -4.75 -11.88 -23.89
C ASP A 358 -3.72 -12.96 -24.24
N ILE A 359 -3.67 -13.30 -25.51
CA ILE A 359 -2.80 -14.37 -26.00
C ILE A 359 -1.71 -13.80 -26.89
N ILE A 360 -0.45 -14.07 -26.52
CA ILE A 360 0.72 -13.68 -27.29
C ILE A 360 1.30 -14.95 -27.93
N SER A 361 1.29 -15.01 -29.25
CA SER A 361 1.67 -16.23 -29.96
C SER A 361 2.93 -16.08 -30.81
N GLY A 362 3.49 -17.22 -31.21
CA GLY A 362 4.66 -17.26 -32.08
C GLY A 362 5.93 -16.71 -31.44
N LEU A 363 6.13 -17.03 -30.17
CA LEU A 363 7.30 -16.56 -29.45
C LEU A 363 8.45 -17.56 -29.54
N ARG A 364 9.46 -17.21 -30.34
CA ARG A 364 10.70 -17.95 -30.39
C ARG A 364 11.62 -17.32 -29.34
N ASP A 365 12.74 -17.98 -29.03
CA ASP A 365 13.69 -17.47 -28.04
C ASP A 365 14.18 -16.05 -28.33
N GLU A 366 14.38 -15.76 -29.62
CA GLU A 366 14.95 -14.48 -30.05
C GLU A 366 13.89 -13.40 -30.30
N THR A 367 12.62 -13.77 -30.19
CA THR A 367 11.53 -12.81 -30.40
C THR A 367 11.49 -11.79 -29.26
N ASN A 368 11.61 -10.51 -29.63
CA ASN A 368 11.51 -9.42 -28.68
C ASN A 368 10.06 -9.18 -28.31
N PHE A 369 9.80 -9.07 -27.01
CA PHE A 369 8.47 -8.70 -26.54
C PHE A 369 8.56 -7.55 -25.54
N THR A 370 7.44 -6.86 -25.36
CA THR A 370 7.32 -5.78 -24.39
C THR A 370 6.14 -6.08 -23.47
N VAL A 371 6.38 -5.99 -22.15
CA VAL A 371 5.30 -6.04 -21.17
C VAL A 371 5.23 -4.73 -20.40
N ILE A 372 4.02 -4.21 -20.23
CA ILE A 372 3.81 -2.98 -19.49
C ILE A 372 3.43 -3.35 -18.06
N ILE A 373 4.32 -3.02 -17.13
CA ILE A 373 4.12 -3.36 -15.73
C ILE A 373 3.91 -2.09 -14.92
N ASN A 374 2.82 -2.07 -14.14
CA ASN A 374 2.52 -0.97 -13.26
C ASN A 374 3.35 -1.06 -11.99
N PRO A 375 3.65 0.10 -11.37
CA PRO A 375 4.50 0.09 -10.15
C PRO A 375 3.85 -0.68 -9.00
N SER A 376 4.67 -1.40 -8.24
CA SER A 376 4.22 -2.36 -7.23
C SER A 376 3.24 -3.41 -7.80
N GLY A 377 3.34 -3.66 -9.11
CA GLY A 377 2.43 -4.55 -9.82
C GLY A 377 3.12 -5.64 -10.60
N VAL A 378 2.34 -6.49 -11.26
CA VAL A 378 2.88 -7.60 -12.04
C VAL A 378 2.24 -7.70 -13.43
N VAL A 379 2.96 -8.40 -14.31
CA VAL A 379 2.38 -9.04 -15.48
C VAL A 379 2.70 -10.53 -15.33
N MET A 380 1.69 -11.37 -15.49
CA MET A 380 1.88 -12.81 -15.35
C MET A 380 1.48 -13.54 -16.63
N TRP A 381 2.37 -14.40 -17.10
CA TRP A 381 2.16 -15.20 -18.31
C TRP A 381 2.09 -16.69 -17.97
N TYR A 382 1.14 -17.37 -18.60
CA TYR A 382 1.15 -18.83 -18.65
C TYR A 382 1.72 -19.20 -20.02
N LEU A 383 2.89 -19.83 -20.02
CA LEU A 383 3.67 -20.04 -21.23
C LEU A 383 3.78 -21.53 -21.56
N TYR A 384 3.56 -21.87 -22.82
CA TYR A 384 3.55 -23.27 -23.26
C TYR A 384 4.07 -23.39 -24.69
N PRO A 385 4.77 -24.49 -25.00
CA PRO A 385 5.19 -24.73 -26.38
C PRO A 385 4.00 -25.00 -27.29
N ILE A 386 4.07 -24.52 -28.53
CA ILE A 386 3.05 -24.84 -29.54
C ILE A 386 3.67 -25.59 -30.71
N LYS A 387 2.89 -26.53 -31.25
CA LYS A 387 3.35 -27.45 -32.28
C LYS A 387 2.93 -26.97 -33.67
N LEU B 1 6.23 34.76 1.28
CA LEU B 1 6.50 35.79 0.23
C LEU B 1 5.31 36.73 0.08
N ASP B 2 5.58 38.02 0.27
CA ASP B 2 4.53 39.06 0.31
C ASP B 2 4.16 39.56 -1.10
N ASN B 3 3.73 38.63 -1.96
CA ASN B 3 3.36 38.98 -3.33
C ASN B 3 1.86 38.90 -3.60
N GLY B 4 1.07 38.82 -2.53
CA GLY B 4 -0.38 38.71 -2.64
C GLY B 4 -0.92 37.36 -3.11
N LEU B 5 -0.03 36.38 -3.28
CA LEU B 5 -0.44 35.06 -3.75
C LEU B 5 -0.42 34.01 -2.65
N LEU B 6 -1.22 32.96 -2.85
CA LEU B 6 -1.25 31.78 -1.99
C LEU B 6 -1.50 32.12 -0.51
N GLN B 7 -2.50 32.98 -0.29
CA GLN B 7 -3.02 33.25 1.05
C GLN B 7 -3.58 31.96 1.67
N THR B 8 -3.93 31.01 0.81
CA THR B 8 -4.28 29.65 1.22
C THR B 8 -3.36 28.71 0.42
N PRO B 9 -3.17 27.46 0.89
CA PRO B 9 -2.29 26.57 0.14
C PRO B 9 -2.71 26.42 -1.32
N PRO B 10 -1.75 26.34 -2.25
CA PRO B 10 -2.09 26.18 -3.66
C PRO B 10 -2.75 24.83 -3.93
N MET B 11 -3.72 24.82 -4.85
CA MET B 11 -4.36 23.60 -5.28
C MET B 11 -4.19 23.48 -6.78
N GLY B 12 -3.87 22.29 -7.24
CA GLY B 12 -3.73 22.05 -8.67
C GLY B 12 -3.23 20.68 -9.03
N TRP B 13 -2.48 20.63 -10.12
CA TRP B 13 -2.01 19.40 -10.72
C TRP B 13 -0.57 19.64 -11.18
N LEU B 14 0.29 18.69 -10.88
CA LEU B 14 1.71 18.72 -11.23
C LEU B 14 2.01 17.45 -12.02
N ALA B 15 2.79 17.57 -13.08
CA ALA B 15 3.04 16.43 -13.97
C ALA B 15 3.95 15.34 -13.40
N TRP B 16 4.83 15.69 -12.47
CA TRP B 16 5.98 14.83 -12.15
C TRP B 16 5.70 13.43 -11.64
N GLU B 17 5.01 13.31 -10.51
CA GLU B 17 4.89 11.99 -9.86
C GLU B 17 4.37 10.90 -10.80
N ARG B 18 3.32 11.23 -11.56
CA ARG B 18 2.67 10.24 -12.42
C ARG B 18 3.32 10.09 -13.79
N PHE B 19 3.82 11.18 -14.37
CA PHE B 19 4.29 11.13 -15.75
C PHE B 19 5.80 11.24 -15.91
N ARG B 20 6.47 11.67 -14.84
CA ARG B 20 7.93 11.67 -14.74
C ARG B 20 8.63 12.31 -15.94
N CYS B 21 9.70 11.68 -16.42
CA CYS B 21 10.45 12.21 -17.56
C CYS B 21 10.22 11.39 -18.84
N ASN B 22 8.96 11.08 -19.11
CA ASN B 22 8.58 10.34 -20.31
C ASN B 22 8.54 11.26 -21.53
N ILE B 23 9.55 11.11 -22.39
CA ILE B 23 9.70 11.98 -23.57
C ILE B 23 9.52 11.21 -24.89
N ASN B 24 9.29 9.90 -24.79
CA ASN B 24 9.12 9.05 -25.96
C ASN B 24 7.69 9.13 -26.49
N CYS B 25 7.43 10.14 -27.32
CA CYS B 25 6.10 10.38 -27.86
C CYS B 25 5.79 9.51 -29.08
N ASP B 26 6.83 8.88 -29.63
CA ASP B 26 6.64 7.94 -30.74
C ASP B 26 5.95 6.66 -30.27
N GLU B 27 6.39 6.15 -29.13
CA GLU B 27 5.85 4.92 -28.56
C GLU B 27 4.72 5.16 -27.55
N ASP B 28 4.70 6.36 -26.96
CA ASP B 28 3.75 6.67 -25.89
C ASP B 28 3.18 8.09 -26.02
N PRO B 29 2.48 8.40 -27.13
CA PRO B 29 2.03 9.77 -27.41
C PRO B 29 1.00 10.32 -26.43
N LYS B 30 0.31 9.43 -25.71
CA LYS B 30 -0.78 9.84 -24.84
C LYS B 30 -0.31 10.13 -23.41
N ASN B 31 0.90 9.68 -23.09
CA ASN B 31 1.45 9.81 -21.74
C ASN B 31 2.78 10.56 -21.61
N CYS B 32 3.36 10.94 -22.75
CA CYS B 32 4.64 11.68 -22.76
C CYS B 32 4.46 13.15 -22.36
N ILE B 33 5.53 13.74 -21.83
CA ILE B 33 5.55 15.17 -21.49
C ILE B 33 5.46 15.99 -22.77
N SER B 34 4.27 16.58 -22.99
CA SER B 34 3.98 17.29 -24.23
C SER B 34 2.85 18.27 -24.00
N GLU B 35 2.68 19.20 -24.93
CA GLU B 35 1.60 20.19 -24.84
C GLU B 35 0.22 19.53 -24.88
N GLN B 36 0.10 18.42 -25.63
CA GLN B 36 -1.13 17.64 -25.69
C GLN B 36 -1.54 17.14 -24.29
N LEU B 37 -0.61 16.49 -23.60
CA LEU B 37 -0.86 16.07 -22.21
C LEU B 37 -1.44 17.22 -21.39
N PHE B 38 -0.77 18.36 -21.40
CA PHE B 38 -1.17 19.49 -20.57
C PHE B 38 -2.51 20.10 -20.98
N MET B 39 -2.76 20.16 -22.30
CA MET B 39 -4.04 20.62 -22.81
C MET B 39 -5.19 19.68 -22.39
N GLU B 40 -4.94 18.38 -22.48
CA GLU B 40 -5.92 17.38 -22.07
C GLU B 40 -6.23 17.42 -20.58
N MET B 41 -5.22 17.64 -19.75
CA MET B 41 -5.43 17.79 -18.31
C MET B 41 -6.19 19.07 -18.00
N ALA B 42 -5.88 20.14 -18.72
CA ALA B 42 -6.58 21.41 -18.57
C ALA B 42 -8.07 21.25 -18.83
N ASP B 43 -8.41 20.58 -19.93
CA ASP B 43 -9.79 20.27 -20.28
C ASP B 43 -10.52 19.50 -19.18
N ARG B 44 -9.83 18.50 -18.61
CA ARG B 44 -10.39 17.71 -17.51
C ARG B 44 -10.63 18.57 -16.27
N MET B 45 -9.67 19.43 -15.95
CA MET B 45 -9.77 20.30 -14.79
C MET B 45 -10.92 21.30 -14.91
N ALA B 46 -11.16 21.76 -16.14
CA ALA B 46 -12.26 22.68 -16.43
C ALA B 46 -13.63 21.98 -16.42
N GLN B 47 -13.71 20.82 -17.06
CA GLN B 47 -14.98 20.11 -17.26
C GLN B 47 -15.45 19.25 -16.10
N ASP B 48 -14.52 18.71 -15.32
CA ASP B 48 -14.84 17.66 -14.34
C ASP B 48 -14.95 18.13 -12.89
N GLY B 49 -15.07 19.44 -12.70
CA GLY B 49 -15.32 20.00 -11.38
C GLY B 49 -14.07 20.42 -10.63
N TRP B 50 -12.89 20.08 -11.17
CA TRP B 50 -11.62 20.39 -10.51
C TRP B 50 -11.42 21.88 -10.29
N ARG B 51 -11.52 22.66 -11.37
CA ARG B 51 -11.36 24.12 -11.30
C ARG B 51 -12.33 24.75 -10.32
N ASP B 52 -13.59 24.33 -10.40
CA ASP B 52 -14.65 24.89 -9.56
C ASP B 52 -14.50 24.51 -8.08
N MET B 53 -13.75 23.45 -7.81
CA MET B 53 -13.45 23.05 -6.43
C MET B 53 -12.22 23.76 -5.87
N GLY B 54 -11.48 24.45 -6.72
CA GLY B 54 -10.30 25.20 -6.29
C GLY B 54 -8.98 24.77 -6.91
N TYR B 55 -8.99 23.65 -7.63
CA TYR B 55 -7.79 23.18 -8.34
C TYR B 55 -7.55 24.04 -9.57
N THR B 56 -6.62 24.99 -9.43
CA THR B 56 -6.44 26.03 -10.45
C THR B 56 -5.08 25.97 -11.16
N TYR B 57 -4.06 25.46 -10.47
CA TYR B 57 -2.73 25.38 -11.08
C TYR B 57 -2.54 24.11 -11.90
N LEU B 58 -1.99 24.31 -13.10
CA LEU B 58 -1.60 23.21 -13.97
C LEU B 58 -0.11 23.39 -14.20
N ASN B 59 0.70 22.54 -13.56
CA ASN B 59 2.15 22.75 -13.52
C ASN B 59 2.96 21.77 -14.35
N ILE B 60 3.73 22.31 -15.28
CA ILE B 60 4.77 21.58 -16.00
C ILE B 60 5.92 21.35 -15.04
N ASP B 61 6.50 20.15 -15.04
CA ASP B 61 7.70 19.88 -14.25
C ASP B 61 8.90 19.70 -15.18
N ASP B 62 9.89 18.92 -14.76
CA ASP B 62 11.11 18.69 -15.53
C ASP B 62 10.85 18.12 -16.94
N CYS B 63 11.87 18.23 -17.80
CA CYS B 63 11.92 17.63 -19.14
C CYS B 63 11.09 18.33 -20.22
N TRP B 64 10.76 19.60 -20.00
CA TRP B 64 10.02 20.39 -20.99
C TRP B 64 10.95 21.15 -21.94
N ILE B 65 12.18 21.36 -21.51
CA ILE B 65 13.11 22.26 -22.19
C ILE B 65 13.69 21.64 -23.46
N GLY B 66 13.67 22.41 -24.54
CA GLY B 66 14.35 22.05 -25.78
C GLY B 66 15.80 22.48 -25.75
N GLY B 67 16.02 23.73 -25.35
CA GLY B 67 17.36 24.29 -25.21
C GLY B 67 17.30 25.80 -25.01
N ARG B 68 18.38 26.49 -25.37
CA ARG B 68 18.39 27.94 -25.39
C ARG B 68 18.66 28.43 -26.81
N ASP B 69 17.98 29.50 -27.21
CA ASP B 69 18.17 30.07 -28.54
C ASP B 69 19.49 30.86 -28.60
N ALA B 70 19.74 31.52 -29.73
CA ALA B 70 20.97 32.30 -29.93
C ALA B 70 21.17 33.41 -28.88
N SER B 71 20.07 33.94 -28.35
CA SER B 71 20.13 35.00 -27.32
C SER B 71 20.19 34.44 -25.90
N GLY B 72 20.22 33.12 -25.77
CA GLY B 72 20.27 32.46 -24.46
C GLY B 72 18.92 32.26 -23.80
N ARG B 73 17.85 32.48 -24.55
CA ARG B 73 16.48 32.40 -24.05
C ARG B 73 15.95 30.96 -24.13
N LEU B 74 15.41 30.48 -23.02
CA LEU B 74 14.86 29.13 -22.95
C LEU B 74 13.78 28.90 -24.00
N MET B 75 13.81 27.71 -24.60
CA MET B 75 12.76 27.29 -25.52
C MET B 75 12.29 25.88 -25.16
N PRO B 76 10.99 25.60 -25.33
CA PRO B 76 10.49 24.26 -25.03
C PRO B 76 10.92 23.29 -26.12
N ASP B 77 10.81 21.99 -25.85
CA ASP B 77 11.09 20.99 -26.88
C ASP B 77 10.16 21.25 -28.07
N PRO B 78 10.75 21.53 -29.26
CA PRO B 78 9.96 21.91 -30.43
C PRO B 78 8.99 20.84 -30.91
N LYS B 79 9.41 19.57 -30.83
CA LYS B 79 8.57 18.44 -31.25
C LYS B 79 7.43 18.18 -30.26
N ARG B 80 7.72 18.30 -28.97
CA ARG B 80 6.74 17.99 -27.93
C ARG B 80 5.86 19.18 -27.53
N PHE B 81 6.34 20.40 -27.79
CA PHE B 81 5.58 21.62 -27.56
C PHE B 81 5.61 22.51 -28.82
N PRO B 82 4.99 22.03 -29.93
CA PRO B 82 5.16 22.72 -31.21
C PRO B 82 4.60 24.15 -31.29
N HIS B 83 3.59 24.44 -30.47
CA HIS B 83 2.96 25.76 -30.50
C HIS B 83 3.64 26.78 -29.58
N GLY B 84 4.51 26.29 -28.69
CA GLY B 84 5.20 27.15 -27.73
C GLY B 84 4.48 27.31 -26.41
N ILE B 85 5.21 27.77 -25.39
CA ILE B 85 4.65 27.95 -24.04
C ILE B 85 3.60 29.08 -23.93
N PRO B 86 3.80 30.23 -24.63
CA PRO B 86 2.74 31.25 -24.62
C PRO B 86 1.39 30.70 -25.07
N PHE B 87 1.38 29.87 -26.11
CA PHE B 87 0.17 29.23 -26.61
C PHE B 87 -0.52 28.39 -25.53
N LEU B 88 0.30 27.66 -24.76
CA LEU B 88 -0.20 26.80 -23.69
C LEU B 88 -0.78 27.62 -22.53
N ALA B 89 -0.06 28.68 -22.14
CA ALA B 89 -0.54 29.58 -21.10
C ALA B 89 -1.87 30.21 -21.51
N ASP B 90 -1.93 30.70 -22.76
CA ASP B 90 -3.16 31.24 -23.34
C ASP B 90 -4.30 30.25 -23.19
N TYR B 91 -4.05 29.01 -23.62
CA TYR B 91 -5.04 27.94 -23.55
C TYR B 91 -5.48 27.68 -22.10
N VAL B 92 -4.50 27.61 -21.21
CA VAL B 92 -4.74 27.40 -19.78
C VAL B 92 -5.56 28.54 -19.19
N HIS B 93 -5.18 29.78 -19.50
CA HIS B 93 -5.90 30.97 -19.01
C HIS B 93 -7.34 31.06 -19.51
N SER B 94 -7.59 30.58 -20.72
CA SER B 94 -8.91 30.64 -21.35
C SER B 94 -9.91 29.69 -20.67
N LEU B 95 -9.38 28.69 -19.97
CA LEU B 95 -10.19 27.73 -19.23
C LEU B 95 -10.33 28.13 -17.75
N GLY B 96 -9.78 29.28 -17.40
CA GLY B 96 -9.85 29.79 -16.03
C GLY B 96 -8.79 29.20 -15.12
N LEU B 97 -7.75 28.64 -15.72
CA LEU B 97 -6.68 27.99 -14.96
C LEU B 97 -5.39 28.81 -14.98
N LYS B 98 -4.43 28.39 -14.15
CA LYS B 98 -3.12 29.02 -14.08
C LYS B 98 -2.05 28.04 -14.53
N LEU B 99 -0.97 28.57 -15.12
CA LEU B 99 0.12 27.71 -15.58
C LEU B 99 1.37 27.81 -14.71
N GLY B 100 1.87 26.66 -14.28
CA GLY B 100 3.13 26.58 -13.54
C GLY B 100 4.24 26.00 -14.39
N ILE B 101 5.47 26.38 -14.08
CA ILE B 101 6.62 25.89 -14.84
C ILE B 101 7.75 25.49 -13.90
N TYR B 102 8.75 24.81 -14.45
CA TYR B 102 9.85 24.24 -13.68
C TYR B 102 11.16 24.75 -14.24
N ALA B 103 12.09 25.03 -13.33
CA ALA B 103 13.46 25.39 -13.68
C ALA B 103 14.38 24.91 -12.57
N ASP B 104 15.68 24.95 -12.80
CA ASP B 104 16.63 24.48 -11.80
C ASP B 104 17.71 25.53 -11.53
N MET B 105 17.93 25.82 -10.25
CA MET B 105 18.97 26.72 -9.80
C MET B 105 20.29 25.96 -9.76
N GLY B 106 20.98 25.93 -10.89
CA GLY B 106 22.21 25.18 -11.04
C GLY B 106 22.52 24.90 -12.49
N ASN B 107 23.53 24.06 -12.73
CA ASN B 107 24.01 23.76 -14.10
C ASN B 107 22.97 23.08 -14.98
N PHE B 108 22.27 22.11 -14.41
CA PHE B 108 21.26 21.35 -15.14
C PHE B 108 20.09 21.07 -14.21
N THR B 109 18.95 20.73 -14.81
CA THR B 109 17.83 20.18 -14.03
C THR B 109 18.22 18.80 -13.54
N CYS B 110 17.46 18.24 -12.60
CA CYS B 110 17.78 16.92 -12.07
C CYS B 110 17.81 15.85 -13.16
N MET B 111 17.00 16.02 -14.20
CA MET B 111 17.02 15.11 -15.34
C MET B 111 18.03 15.49 -16.44
N GLY B 112 18.85 16.51 -16.17
CA GLY B 112 19.95 16.90 -17.07
C GLY B 112 19.60 17.88 -18.17
N TYR B 113 18.44 18.53 -18.06
CA TYR B 113 18.05 19.56 -19.02
C TYR B 113 18.73 20.89 -18.67
N PRO B 114 18.74 21.87 -19.60
CA PRO B 114 19.49 23.10 -19.32
C PRO B 114 19.07 23.79 -18.03
N GLY B 115 20.06 24.13 -17.20
CA GLY B 115 19.79 24.75 -15.92
C GLY B 115 19.74 26.26 -15.98
N THR B 116 19.13 26.85 -14.95
CA THR B 116 19.12 28.29 -14.75
C THR B 116 20.27 28.64 -13.81
N THR B 117 21.45 28.84 -14.39
CA THR B 117 22.63 29.26 -13.65
C THR B 117 22.44 30.72 -13.18
N LEU B 118 23.32 31.17 -12.29
CA LEU B 118 23.24 32.53 -11.72
C LEU B 118 23.13 33.65 -12.77
N ASP B 119 23.84 33.49 -13.90
CA ASP B 119 23.81 34.51 -14.95
C ASP B 119 22.58 34.41 -15.87
N LYS B 120 21.73 33.41 -15.63
CA LYS B 120 20.52 33.21 -16.42
C LYS B 120 19.24 33.49 -15.63
N VAL B 121 19.38 33.66 -14.32
CA VAL B 121 18.25 33.87 -13.40
C VAL B 121 17.29 34.98 -13.86
N VAL B 122 17.84 36.17 -14.14
CA VAL B 122 17.04 37.33 -14.52
C VAL B 122 16.37 37.09 -15.88
N GLN B 123 17.16 36.65 -16.86
CA GLN B 123 16.64 36.39 -18.21
C GLN B 123 15.53 35.34 -18.19
N ASP B 124 15.70 34.30 -17.39
CA ASP B 124 14.68 33.26 -17.28
C ASP B 124 13.41 33.76 -16.59
N ALA B 125 13.58 34.58 -15.54
CA ALA B 125 12.45 35.21 -14.86
C ALA B 125 11.64 36.09 -15.82
N GLN B 126 12.35 36.85 -16.64
CA GLN B 126 11.72 37.74 -17.62
C GLN B 126 10.99 36.94 -18.71
N THR B 127 11.62 35.83 -19.12
CA THR B 127 11.03 34.90 -20.08
C THR B 127 9.70 34.32 -19.58
N PHE B 128 9.71 33.80 -18.35
CA PHE B 128 8.50 33.21 -17.76
C PHE B 128 7.38 34.25 -17.63
N ALA B 129 7.74 35.45 -17.20
CA ALA B 129 6.79 36.55 -17.08
C ALA B 129 6.18 36.92 -18.43
N GLU B 130 7.02 37.01 -19.46
CA GLU B 130 6.56 37.31 -20.81
C GLU B 130 5.62 36.24 -21.33
N TRP B 131 5.92 34.98 -20.99
CA TRP B 131 5.09 33.84 -21.36
C TRP B 131 3.76 33.81 -20.59
N LYS B 132 3.62 34.69 -19.60
CA LYS B 132 2.44 34.75 -18.73
C LYS B 132 2.28 33.50 -17.84
N VAL B 133 3.42 32.95 -17.43
CA VAL B 133 3.49 31.90 -16.40
C VAL B 133 2.97 32.44 -15.07
N ASP B 134 2.35 31.57 -14.27
CA ASP B 134 1.75 31.98 -12.99
C ASP B 134 2.42 31.40 -11.75
N MET B 135 3.28 30.42 -11.97
CA MET B 135 3.96 29.74 -10.86
C MET B 135 5.30 29.19 -11.35
N LEU B 136 6.31 29.29 -10.51
CA LEU B 136 7.62 28.72 -10.81
C LEU B 136 8.05 27.78 -9.69
N LYS B 137 8.41 26.56 -10.07
CA LYS B 137 9.08 25.62 -9.17
C LYS B 137 10.57 25.64 -9.49
N LEU B 138 11.39 26.05 -8.53
CA LEU B 138 12.83 26.14 -8.74
C LEU B 138 13.57 25.07 -7.95
N ASP B 139 14.04 24.07 -8.69
CA ASP B 139 14.78 22.96 -8.14
C ASP B 139 16.23 23.36 -7.87
N GLY B 140 16.96 22.51 -7.16
CA GLY B 140 18.34 22.82 -6.78
C GLY B 140 19.42 21.80 -7.11
N CYS B 141 19.19 20.99 -8.15
CA CYS B 141 20.20 20.02 -8.59
C CYS B 141 21.38 20.71 -9.25
N PHE B 142 22.53 20.05 -9.23
CA PHE B 142 23.76 20.51 -9.90
C PHE B 142 24.18 21.93 -9.51
N SER B 143 24.22 22.16 -8.20
CA SER B 143 24.58 23.45 -7.63
C SER B 143 25.28 23.26 -6.27
N THR B 144 25.96 24.30 -5.82
CA THR B 144 26.63 24.30 -4.52
C THR B 144 25.76 25.03 -3.49
N PRO B 145 26.04 24.82 -2.18
CA PRO B 145 25.34 25.58 -1.13
C PRO B 145 25.41 27.11 -1.31
N GLU B 146 26.55 27.60 -1.78
CA GLU B 146 26.74 29.04 -2.01
C GLU B 146 25.94 29.55 -3.20
N GLU B 147 25.86 28.75 -4.25
CA GLU B 147 25.06 29.09 -5.42
C GLU B 147 23.57 29.18 -5.09
N ARG B 148 23.10 28.28 -4.23
CA ARG B 148 21.70 28.28 -3.80
C ARG B 148 21.41 29.48 -2.91
N ALA B 149 22.32 29.75 -1.97
CA ALA B 149 22.22 30.91 -1.08
C ALA B 149 22.17 32.23 -1.84
N GLN B 150 22.81 32.27 -3.00
CA GLN B 150 22.76 33.43 -3.88
C GLN B 150 21.56 33.38 -4.81
N GLY B 151 21.30 32.20 -5.36
CA GLY B 151 20.36 32.03 -6.46
C GLY B 151 18.88 32.15 -6.13
N TYR B 152 18.46 31.56 -5.03
CA TYR B 152 17.05 31.60 -4.64
C TYR B 152 16.56 33.03 -4.33
N PRO B 153 17.32 33.81 -3.52
CA PRO B 153 16.95 35.22 -3.36
C PRO B 153 17.06 36.01 -4.66
N LYS B 154 18.02 35.68 -5.52
CA LYS B 154 18.18 36.33 -6.81
C LYS B 154 16.97 36.14 -7.70
N MET B 155 16.42 34.93 -7.72
CA MET B 155 15.22 34.62 -8.51
C MET B 155 13.97 35.29 -7.94
N ALA B 156 13.83 35.29 -6.62
CA ALA B 156 12.73 36.01 -5.97
C ALA B 156 12.73 37.49 -6.34
N ALA B 157 13.91 38.10 -6.28
CA ALA B 157 14.07 39.52 -6.66
C ALA B 157 13.76 39.72 -8.14
N ALA B 158 14.28 38.82 -8.98
CA ALA B 158 14.06 38.86 -10.42
C ALA B 158 12.58 38.73 -10.78
N LEU B 159 11.90 37.74 -10.19
CA LEU B 159 10.46 37.56 -10.40
C LEU B 159 9.67 38.79 -9.98
N ASN B 160 10.02 39.35 -8.82
CA ASN B 160 9.41 40.58 -8.33
C ASN B 160 9.58 41.73 -9.31
N ALA B 161 10.80 41.88 -9.85
CA ALA B 161 11.14 42.96 -10.77
C ALA B 161 10.37 42.92 -12.09
N THR B 162 9.87 41.74 -12.47
CA THR B 162 9.10 41.59 -13.72
C THR B 162 7.75 42.29 -13.66
N GLY B 163 7.25 42.49 -12.44
CA GLY B 163 5.94 43.09 -12.22
C GLY B 163 4.78 42.12 -12.30
N ARG B 164 5.05 40.88 -12.73
CA ARG B 164 4.02 39.84 -12.79
C ARG B 164 3.99 39.00 -11.50
N PRO B 165 2.81 38.85 -10.88
CA PRO B 165 2.68 37.95 -9.74
C PRO B 165 2.91 36.49 -10.19
N ILE B 166 3.97 35.88 -9.66
CA ILE B 166 4.32 34.51 -9.97
C ILE B 166 4.59 33.77 -8.66
N ALA B 167 3.76 32.78 -8.37
CA ALA B 167 3.93 31.97 -7.17
C ALA B 167 5.29 31.29 -7.20
N PHE B 168 6.01 31.37 -6.10
CA PHE B 168 7.38 30.86 -6.05
C PHE B 168 7.50 29.65 -5.12
N SER B 169 7.76 28.50 -5.73
CA SER B 169 7.97 27.24 -5.03
C SER B 169 9.47 26.93 -5.00
N CYS B 170 10.05 26.87 -3.79
CA CYS B 170 11.50 26.71 -3.61
C CYS B 170 11.86 25.34 -3.04
N SER B 171 12.87 24.70 -3.60
CA SER B 171 13.31 23.40 -3.11
C SER B 171 14.55 23.54 -2.25
N TRP B 172 14.99 24.79 -2.09
CA TRP B 172 16.21 25.13 -1.36
C TRP B 172 16.40 24.34 -0.06
N PRO B 173 15.41 24.39 0.87
CA PRO B 173 15.61 23.70 2.16
C PRO B 173 15.85 22.19 2.06
N ALA B 174 15.26 21.53 1.04
CA ALA B 174 15.42 20.09 0.85
C ALA B 174 16.87 19.68 0.53
N TYR B 175 17.60 20.59 -0.10
CA TYR B 175 19.00 20.35 -0.43
C TYR B 175 19.93 20.65 0.76
N GLU B 176 19.36 21.20 1.82
CA GLU B 176 20.12 21.59 3.00
C GLU B 176 19.76 20.80 4.25
N GLY B 177 18.95 19.75 4.09
CA GLY B 177 18.52 18.91 5.21
C GLY B 177 17.21 19.33 5.84
N GLY B 178 16.70 20.49 5.43
CA GLY B 178 15.36 20.94 5.83
C GLY B 178 15.24 21.55 7.22
N LEU B 179 16.36 21.68 7.91
CA LEU B 179 16.35 22.09 9.32
C LEU B 179 17.37 23.19 9.64
N PRO B 180 17.08 24.03 10.65
CA PRO B 180 18.10 24.93 11.20
C PRO B 180 19.24 24.12 11.83
N PRO B 181 20.46 24.69 11.90
CA PRO B 181 20.83 26.04 11.47
C PRO B 181 21.07 26.19 9.97
N ARG B 182 21.24 25.08 9.24
CA ARG B 182 21.53 25.13 7.81
C ARG B 182 20.41 25.77 7.00
N VAL B 183 19.16 25.55 7.42
CA VAL B 183 18.01 26.22 6.82
C VAL B 183 17.57 27.39 7.68
N GLN B 184 17.36 28.53 7.05
CA GLN B 184 16.84 29.72 7.73
C GLN B 184 15.42 29.98 7.26
N TYR B 185 14.44 29.54 8.04
CA TYR B 185 13.02 29.62 7.64
C TYR B 185 12.45 31.03 7.63
N SER B 186 13.05 31.92 8.42
CA SER B 186 12.69 33.33 8.40
C SER B 186 12.95 33.96 7.04
N LEU B 187 14.11 33.64 6.45
CA LEU B 187 14.44 34.08 5.10
C LEU B 187 13.53 33.45 4.05
N LEU B 188 13.35 32.13 4.11
CA LEU B 188 12.50 31.42 3.16
C LEU B 188 11.09 31.99 3.11
N ALA B 189 10.52 32.25 4.28
CA ALA B 189 9.19 32.85 4.40
C ALA B 189 9.07 34.20 3.67
N ASP B 190 10.17 34.94 3.62
CA ASP B 190 10.21 36.24 2.96
C ASP B 190 10.40 36.14 1.45
N ILE B 191 11.03 35.07 0.99
CA ILE B 191 11.36 34.94 -0.45
C ILE B 191 10.59 33.90 -1.25
N CYS B 192 9.85 33.01 -0.57
CA CYS B 192 9.11 31.92 -1.23
C CYS B 192 7.68 31.81 -0.74
N ASN B 193 6.77 31.41 -1.64
CA ASN B 193 5.38 31.09 -1.30
C ASN B 193 5.21 29.69 -0.72
N LEU B 194 6.13 28.80 -1.08
CA LEU B 194 6.13 27.43 -0.55
C LEU B 194 7.49 26.80 -0.82
N TRP B 195 7.84 25.81 0.01
CA TRP B 195 9.15 25.20 -0.09
C TRP B 195 9.06 23.70 0.17
N ARG B 196 9.78 22.94 -0.65
CA ARG B 196 9.93 21.52 -0.41
C ARG B 196 11.00 21.35 0.66
N ASN B 197 10.60 20.83 1.82
CA ASN B 197 11.51 20.67 2.97
C ASN B 197 12.29 19.36 2.90
N TYR B 198 11.74 18.38 2.20
CA TYR B 198 12.13 16.99 2.43
C TYR B 198 12.11 16.13 1.15
N ASP B 199 12.23 14.82 1.32
CA ASP B 199 12.39 13.85 0.23
C ASP B 199 11.26 13.87 -0.78
N ASP B 200 11.60 13.58 -2.03
CA ASP B 200 10.60 13.35 -3.08
C ASP B 200 9.67 12.25 -2.63
N ILE B 201 8.37 12.48 -2.79
CA ILE B 201 7.39 11.42 -2.55
C ILE B 201 7.44 10.41 -3.70
N GLN B 202 7.33 9.13 -3.36
CA GLN B 202 7.17 8.07 -4.35
C GLN B 202 5.82 7.40 -4.15
N ASP B 203 5.35 6.68 -5.18
CA ASP B 203 4.04 6.05 -5.18
C ASP B 203 4.01 4.81 -4.27
N SER B 204 4.12 5.05 -2.96
CA SER B 204 4.05 3.99 -1.96
C SER B 204 3.62 4.55 -0.60
N TRP B 205 2.97 3.71 0.20
CA TRP B 205 2.55 4.07 1.54
C TRP B 205 3.75 4.32 2.42
N TRP B 206 4.81 3.54 2.21
CA TRP B 206 6.07 3.72 2.93
C TRP B 206 6.59 5.15 2.75
N SER B 207 6.50 5.68 1.55
CA SER B 207 6.97 7.03 1.26
C SER B 207 6.14 8.08 1.98
N VAL B 208 4.81 7.91 1.98
CA VAL B 208 3.92 8.82 2.72
C VAL B 208 4.29 8.84 4.20
N LEU B 209 4.46 7.64 4.76
CA LEU B 209 4.79 7.48 6.17
C LEU B 209 6.12 8.13 6.57
N SER B 210 7.12 8.01 5.72
CA SER B 210 8.44 8.54 6.04
C SER B 210 8.42 10.07 6.00
N ILE B 211 7.66 10.64 5.07
CA ILE B 211 7.48 12.08 5.00
C ILE B 211 6.69 12.57 6.20
N LEU B 212 5.56 11.92 6.47
CA LEU B 212 4.72 12.25 7.62
C LEU B 212 5.51 12.21 8.92
N ASN B 213 6.31 11.17 9.11
N ASN B 213 6.31 11.16 9.10
CA ASN B 213 7.09 11.01 10.34
CA ASN B 213 7.12 10.98 10.30
C ASN B 213 8.21 12.03 10.51
C ASN B 213 8.14 12.10 10.50
N TRP B 214 8.81 12.48 9.40
CA TRP B 214 9.81 13.56 9.43
C TRP B 214 9.17 14.88 9.82
N PHE B 215 8.01 15.19 9.24
CA PHE B 215 7.27 16.40 9.59
C PHE B 215 6.76 16.42 11.03
N VAL B 216 6.41 15.25 11.55
CA VAL B 216 5.96 15.15 12.94
C VAL B 216 7.14 15.27 13.91
N GLU B 217 8.24 14.56 13.63
CA GLU B 217 9.45 14.64 14.45
C GLU B 217 9.95 16.07 14.62
N HIS B 218 9.81 16.88 13.58
CA HIS B 218 10.32 18.24 13.57
C HIS B 218 9.22 19.29 13.56
N GLN B 219 8.03 18.95 14.05
CA GLN B 219 6.89 19.87 14.00
C GLN B 219 7.07 21.14 14.85
N ASP B 220 7.81 21.05 15.95
CA ASP B 220 8.08 22.23 16.77
C ASP B 220 8.75 23.34 15.96
N ILE B 221 9.63 22.95 15.04
CA ILE B 221 10.30 23.87 14.13
C ILE B 221 9.40 24.25 12.96
N LEU B 222 8.74 23.26 12.37
CA LEU B 222 8.09 23.44 11.06
C LEU B 222 6.69 24.03 11.13
N GLN B 223 5.91 23.65 12.13
CA GLN B 223 4.53 24.15 12.29
C GLN B 223 4.43 25.70 12.35
N PRO B 224 5.26 26.36 13.18
CA PRO B 224 5.14 27.82 13.30
C PRO B 224 5.50 28.62 12.05
N VAL B 225 6.35 28.06 11.18
CA VAL B 225 6.86 28.81 10.02
C VAL B 225 5.86 28.92 8.85
N ALA B 226 4.82 28.10 8.87
CA ALA B 226 3.80 28.11 7.81
C ALA B 226 2.67 29.10 8.11
N GLY B 227 2.09 29.65 7.05
CA GLY B 227 0.98 30.59 7.15
C GLY B 227 0.65 31.18 5.80
N PRO B 228 -0.39 32.04 5.74
CA PRO B 228 -0.81 32.66 4.48
C PRO B 228 0.38 33.26 3.73
N GLY B 229 0.57 32.83 2.49
CA GLY B 229 1.65 33.32 1.65
C GLY B 229 2.94 32.53 1.71
N HIS B 230 3.06 31.62 2.69
CA HIS B 230 4.29 30.83 2.88
C HIS B 230 4.07 29.46 3.52
N TRP B 231 4.08 28.41 2.69
CA TRP B 231 3.73 27.05 3.15
C TRP B 231 4.88 26.06 3.15
N ASN B 232 4.81 25.08 4.07
CA ASN B 232 5.60 23.86 3.97
C ASN B 232 5.01 22.99 2.85
N ASP B 233 5.88 22.34 2.08
CA ASP B 233 5.45 21.45 1.01
C ASP B 233 6.01 20.04 1.24
N PRO B 234 5.15 19.12 1.73
CA PRO B 234 5.52 17.70 1.90
C PRO B 234 5.45 16.90 0.60
N ASP B 235 5.20 17.58 -0.52
CA ASP B 235 5.19 17.03 -1.88
C ASP B 235 3.80 16.57 -2.30
N MET B 236 3.72 16.02 -3.52
CA MET B 236 2.46 15.75 -4.21
C MET B 236 1.55 14.68 -3.56
N LEU B 237 0.27 14.81 -3.86
CA LEU B 237 -0.73 13.80 -3.50
C LEU B 237 -0.62 12.60 -4.44
N LEU B 238 -0.77 11.40 -3.89
CA LEU B 238 -0.67 10.16 -4.66
C LEU B 238 -2.01 9.58 -5.08
N ILE B 239 -3.09 10.24 -4.65
CA ILE B 239 -4.44 9.72 -4.80
C ILE B 239 -4.74 9.60 -6.30
N GLY B 240 -5.20 8.42 -6.71
CA GLY B 240 -5.51 8.15 -8.12
C GLY B 240 -4.46 7.30 -8.84
N ASN B 241 -3.36 7.03 -8.16
CA ASN B 241 -2.26 6.28 -8.76
C ASN B 241 -2.26 4.79 -8.39
N PHE B 242 -1.08 4.23 -8.12
CA PHE B 242 -0.94 2.76 -8.10
C PHE B 242 -0.63 2.19 -6.71
N GLY B 243 0.04 2.98 -5.88
CA GLY B 243 0.62 2.45 -4.65
C GLY B 243 -0.25 2.52 -3.40
N LEU B 244 -1.28 3.38 -3.42
CA LEU B 244 -2.10 3.54 -2.22
C LEU B 244 -3.43 2.81 -2.32
N SER B 245 -3.77 2.09 -1.25
CA SER B 245 -5.09 1.50 -1.09
C SER B 245 -6.10 2.62 -0.84
N LEU B 246 -7.39 2.28 -0.83
CA LEU B 246 -8.44 3.26 -0.50
C LEU B 246 -8.21 3.95 0.85
N GLU B 247 -7.97 3.17 1.89
CA GLU B 247 -7.78 3.74 3.24
C GLU B 247 -6.59 4.71 3.26
N GLN B 248 -5.51 4.31 2.60
CA GLN B 248 -4.28 5.09 2.53
C GLN B 248 -4.46 6.38 1.73
N SER B 249 -5.27 6.30 0.68
CA SER B 249 -5.57 7.48 -0.13
C SER B 249 -6.37 8.49 0.67
N ARG B 250 -7.39 8.01 1.39
CA ARG B 250 -8.17 8.86 2.27
C ARG B 250 -7.29 9.44 3.37
N ALA B 251 -6.32 8.65 3.81
CA ALA B 251 -5.39 9.08 4.86
C ALA B 251 -4.48 10.24 4.43
N GLN B 252 -3.89 10.13 3.24
CA GLN B 252 -2.98 11.17 2.77
C GLN B 252 -3.71 12.49 2.59
N MET B 253 -4.93 12.44 2.05
CA MET B 253 -5.72 13.63 1.85
C MET B 253 -5.98 14.33 3.20
N ALA B 254 -6.45 13.56 4.18
CA ALA B 254 -6.77 14.08 5.51
C ALA B 254 -5.55 14.66 6.19
N LEU B 255 -4.43 13.96 6.07
CA LEU B 255 -3.19 14.35 6.76
C LEU B 255 -2.51 15.56 6.13
N TRP B 256 -2.52 15.62 4.79
CA TRP B 256 -2.00 16.79 4.07
C TRP B 256 -2.86 18.02 4.40
N THR B 257 -4.16 17.78 4.56
CA THR B 257 -5.08 18.85 4.94
C THR B 257 -4.82 19.44 6.33
N VAL B 258 -4.65 18.58 7.34
CA VAL B 258 -4.36 19.11 8.68
C VAL B 258 -2.98 19.76 8.80
N LEU B 259 -2.08 19.41 7.88
CA LEU B 259 -0.74 20.02 7.81
C LEU B 259 -0.71 21.31 7.00
N ALA B 260 -1.88 21.77 6.56
CA ALA B 260 -2.01 22.96 5.70
C ALA B 260 -1.06 22.86 4.50
N ALA B 261 -1.07 21.69 3.86
CA ALA B 261 -0.17 21.42 2.74
C ALA B 261 -0.83 21.82 1.43
N PRO B 262 -0.02 22.11 0.40
CA PRO B 262 -0.54 22.23 -0.97
C PRO B 262 -1.31 20.96 -1.34
N LEU B 263 -2.37 21.12 -2.12
CA LEU B 263 -3.07 19.97 -2.65
C LEU B 263 -2.74 19.88 -4.13
N LEU B 264 -1.54 19.40 -4.41
CA LEU B 264 -1.07 19.25 -5.77
C LEU B 264 -1.15 17.79 -6.17
N MET B 265 -2.17 17.50 -6.98
CA MET B 265 -2.41 16.19 -7.57
C MET B 265 -1.35 15.90 -8.59
N SER B 266 -1.14 14.62 -8.86
CA SER B 266 -0.26 14.18 -9.93
C SER B 266 -0.75 12.80 -10.32
N THR B 267 -1.73 12.78 -11.22
CA THR B 267 -2.41 11.56 -11.59
C THR B 267 -3.09 11.79 -12.93
N ASP B 268 -3.49 10.70 -13.59
CA ASP B 268 -4.14 10.80 -14.89
C ASP B 268 -5.62 11.14 -14.72
N LEU B 269 -5.95 12.42 -14.87
CA LEU B 269 -7.32 12.91 -14.71
C LEU B 269 -8.28 12.39 -15.78
N ARG B 270 -7.74 11.73 -16.80
CA ARG B 270 -8.55 11.18 -17.88
C ARG B 270 -9.16 9.84 -17.50
N THR B 271 -8.53 9.14 -16.55
CA THR B 271 -8.96 7.80 -16.15
C THR B 271 -9.16 7.65 -14.64
N ILE B 272 -9.13 8.77 -13.92
CA ILE B 272 -9.33 8.74 -12.46
C ILE B 272 -10.71 8.14 -12.10
N SER B 273 -10.72 7.27 -11.10
CA SER B 273 -11.95 6.63 -10.65
C SER B 273 -12.85 7.62 -9.90
N ALA B 274 -14.14 7.31 -9.84
CA ALA B 274 -15.10 8.11 -9.10
C ALA B 274 -14.77 8.14 -7.61
N GLN B 275 -14.29 7.02 -7.10
CA GLN B 275 -13.95 6.88 -5.69
C GLN B 275 -12.81 7.84 -5.30
N ASN B 276 -11.74 7.85 -6.12
CA ASN B 276 -10.63 8.79 -5.97
C ASN B 276 -11.01 10.24 -6.23
N MET B 277 -11.86 10.48 -7.22
CA MET B 277 -12.37 11.84 -7.47
C MET B 277 -13.14 12.36 -6.25
N ASP B 278 -13.95 11.49 -5.65
CA ASP B 278 -14.74 11.84 -4.46
C ASP B 278 -13.86 12.23 -3.27
N ILE B 279 -12.67 11.64 -3.20
CA ILE B 279 -11.71 12.00 -2.15
C ILE B 279 -11.16 13.41 -2.38
N LEU B 280 -10.60 13.62 -3.56
CA LEU B 280 -9.98 14.90 -3.91
C LEU B 280 -10.98 16.08 -4.02
N GLN B 281 -12.23 15.77 -4.32
CA GLN B 281 -13.24 16.82 -4.51
C GLN B 281 -14.20 16.99 -3.33
N ASN B 282 -13.86 16.36 -2.20
CA ASN B 282 -14.60 16.48 -0.95
C ASN B 282 -14.62 17.96 -0.49
N PRO B 283 -15.81 18.58 -0.51
CA PRO B 283 -15.94 20.03 -0.28
C PRO B 283 -15.53 20.48 1.11
N LEU B 284 -15.91 19.72 2.14
CA LEU B 284 -15.51 20.04 3.50
C LEU B 284 -14.00 19.87 3.73
N MET B 285 -13.42 18.82 3.14
CA MET B 285 -11.96 18.61 3.22
C MET B 285 -11.24 19.82 2.64
N ILE B 286 -11.70 20.26 1.48
CA ILE B 286 -11.11 21.41 0.79
C ILE B 286 -11.29 22.72 1.58
N LYS B 287 -12.49 22.90 2.14
CA LYS B 287 -12.78 24.03 3.03
C LYS B 287 -11.78 24.07 4.20
N ILE B 288 -11.51 22.92 4.80
CA ILE B 288 -10.55 22.81 5.90
C ILE B 288 -9.13 23.13 5.43
N ASN B 289 -8.72 22.53 4.30
CA ASN B 289 -7.40 22.81 3.74
C ASN B 289 -7.21 24.30 3.45
N GLN B 290 -8.24 24.90 2.85
CA GLN B 290 -8.23 26.32 2.44
C GLN B 290 -8.63 27.30 3.55
N ASP B 291 -8.62 26.87 4.80
CA ASP B 291 -9.03 27.73 5.92
C ASP B 291 -8.24 29.03 5.93
N PRO B 292 -8.93 30.18 6.04
CA PRO B 292 -8.29 31.49 5.92
C PRO B 292 -7.22 31.80 6.97
N LEU B 293 -7.28 31.18 8.13
CA LEU B 293 -6.26 31.38 9.17
C LEU B 293 -4.90 30.81 8.77
N GLY B 294 -4.91 29.73 7.99
CA GLY B 294 -3.69 29.10 7.50
C GLY B 294 -2.74 28.64 8.60
N ILE B 295 -3.31 28.14 9.70
CA ILE B 295 -2.51 27.59 10.79
C ILE B 295 -2.28 26.10 10.55
N GLN B 296 -1.01 25.73 10.37
CA GLN B 296 -0.62 24.33 10.24
C GLN B 296 -0.94 23.54 11.51
N GLY B 297 -1.46 22.33 11.33
CA GLY B 297 -1.81 21.46 12.43
C GLY B 297 -0.62 20.73 13.02
N ARG B 298 -0.91 19.90 14.03
CA ARG B 298 0.11 19.17 14.77
C ARG B 298 -0.42 17.80 15.14
N ARG B 299 0.47 16.84 15.34
CA ARG B 299 0.12 15.62 16.05
C ARG B 299 0.05 15.97 17.53
N ILE B 300 -1.13 15.82 18.12
CA ILE B 300 -1.33 16.19 19.53
C ILE B 300 -1.30 15.00 20.48
N HIS B 301 -1.44 13.80 19.94
CA HIS B 301 -1.52 12.60 20.77
C HIS B 301 -1.00 11.36 20.04
N LYS B 302 -0.34 10.50 20.79
CA LYS B 302 0.16 9.22 20.27
C LYS B 302 0.00 8.17 21.37
N GLU B 303 -0.56 7.01 21.01
CA GLU B 303 -0.79 5.94 21.96
C GLU B 303 -0.08 4.65 21.57
N LYS B 304 0.11 3.76 22.55
CA LYS B 304 0.72 2.45 22.29
C LYS B 304 -0.14 1.55 21.40
N SER B 305 -1.44 1.86 21.31
CA SER B 305 -2.34 1.19 20.39
C SER B 305 -2.03 1.57 18.93
N LEU B 306 -1.07 2.47 18.75
CA LEU B 306 -0.63 2.97 17.45
C LEU B 306 -1.66 3.87 16.77
N ILE B 307 -2.57 4.43 17.56
CA ILE B 307 -3.50 5.44 17.08
C ILE B 307 -2.88 6.80 17.33
N GLU B 308 -2.87 7.64 16.30
CA GLU B 308 -2.35 9.01 16.39
C GLU B 308 -3.48 10.00 16.19
N VAL B 309 -3.40 11.12 16.92
CA VAL B 309 -4.38 12.19 16.76
C VAL B 309 -3.72 13.48 16.31
N TYR B 310 -4.23 14.03 15.23
CA TYR B 310 -3.78 15.31 14.70
C TYR B 310 -4.88 16.35 14.90
N MET B 311 -4.48 17.59 15.12
CA MET B 311 -5.42 18.68 15.34
C MET B 311 -4.96 19.92 14.59
N ARG B 312 -5.89 20.52 13.85
CA ARG B 312 -5.64 21.79 13.16
C ARG B 312 -6.68 22.84 13.57
N PRO B 313 -6.21 23.97 14.15
CA PRO B 313 -7.13 25.07 14.48
C PRO B 313 -7.66 25.73 13.21
N LEU B 314 -8.94 26.07 13.23
CA LEU B 314 -9.60 26.66 12.05
C LEU B 314 -10.31 27.96 12.42
N SER B 315 -10.79 28.67 11.41
CA SER B 315 -11.53 29.91 11.63
C SER B 315 -12.88 29.64 12.31
N ASN B 316 -13.38 30.67 13.00
CA ASN B 316 -14.66 30.60 13.74
C ASN B 316 -14.66 29.61 14.90
N LYS B 317 -13.53 29.51 15.59
CA LYS B 317 -13.37 28.66 16.77
C LYS B 317 -13.53 27.16 16.49
N ALA B 318 -13.49 26.79 15.21
CA ALA B 318 -13.59 25.39 14.80
C ALA B 318 -12.22 24.69 14.79
N SER B 319 -12.25 23.36 14.74
CA SER B 319 -11.03 22.55 14.66
C SER B 319 -11.22 21.40 13.69
N ALA B 320 -10.11 20.89 13.15
CA ALA B 320 -10.14 19.62 12.43
C ALA B 320 -9.37 18.58 13.23
N LEU B 321 -9.99 17.42 13.41
CA LEU B 321 -9.33 16.32 14.10
C LEU B 321 -9.16 15.15 13.14
N VAL B 322 -7.95 14.58 13.13
CA VAL B 322 -7.69 13.37 12.36
C VAL B 322 -7.23 12.26 13.28
N PHE B 323 -8.03 11.20 13.35
CA PHE B 323 -7.67 10.00 14.08
C PHE B 323 -7.06 9.05 13.06
N PHE B 324 -5.80 8.72 13.26
CA PHE B 324 -5.00 7.99 12.26
C PHE B 324 -4.49 6.69 12.87
N SER B 325 -4.79 5.58 12.20
CA SER B 325 -4.31 4.29 12.64
C SER B 325 -3.09 3.82 11.87
N CYS B 326 -1.98 3.63 12.58
CA CYS B 326 -0.79 3.02 12.01
C CYS B 326 -0.73 1.52 12.26
N ARG B 327 -1.85 0.96 12.75
CA ARG B 327 -1.97 -0.48 12.95
C ARG B 327 -2.06 -1.18 11.60
N THR B 328 -1.66 -2.44 11.57
CA THR B 328 -1.64 -3.23 10.33
C THR B 328 -2.41 -4.53 10.55
N ASP B 329 -3.43 -4.48 11.40
CA ASP B 329 -4.23 -5.69 11.68
C ASP B 329 -5.69 -5.63 11.18
N MET B 330 -6.50 -4.79 11.83
CA MET B 330 -7.95 -4.76 11.56
C MET B 330 -8.57 -3.48 12.14
N PRO B 331 -9.85 -3.20 11.82
CA PRO B 331 -10.49 -2.00 12.36
C PRO B 331 -10.30 -1.89 13.87
N TYR B 332 -10.13 -0.67 14.34
CA TYR B 332 -9.87 -0.42 15.75
C TYR B 332 -10.90 0.55 16.30
N ARG B 333 -11.42 0.23 17.49
CA ARG B 333 -12.39 1.07 18.18
C ARG B 333 -11.65 1.99 19.14
N TYR B 334 -11.47 3.24 18.72
CA TYR B 334 -10.72 4.19 19.53
C TYR B 334 -11.64 4.96 20.47
N HIS B 335 -11.39 4.80 21.76
CA HIS B 335 -12.18 5.45 22.81
C HIS B 335 -11.43 6.66 23.34
N SER B 336 -12.09 7.81 23.31
CA SER B 336 -11.48 9.05 23.76
C SER B 336 -12.54 10.04 24.24
N SER B 337 -12.10 11.27 24.50
CA SER B 337 -12.98 12.39 24.83
C SER B 337 -12.23 13.65 24.46
N LEU B 338 -12.96 14.73 24.20
CA LEU B 338 -12.33 16.00 23.84
C LEU B 338 -11.41 16.53 24.94
N GLY B 339 -11.80 16.27 26.19
CA GLY B 339 -11.00 16.66 27.35
C GLY B 339 -9.65 15.97 27.41
N GLN B 340 -9.61 14.72 26.95
CA GLN B 340 -8.36 13.96 26.86
C GLN B 340 -7.50 14.45 25.71
N LEU B 341 -8.12 15.12 24.75
CA LEU B 341 -7.42 15.70 23.59
C LEU B 341 -7.15 17.19 23.80
N ASN B 342 -7.07 17.59 25.06
CA ASN B 342 -6.65 18.92 25.49
C ASN B 342 -7.58 20.07 25.06
N PHE B 343 -8.88 19.76 24.99
CA PHE B 343 -9.90 20.79 24.82
C PHE B 343 -10.37 21.25 26.20
N THR B 344 -10.39 22.57 26.42
CA THR B 344 -10.73 23.13 27.73
C THR B 344 -11.99 24.01 27.69
N GLY B 345 -12.54 24.31 28.86
CA GLY B 345 -13.75 25.12 28.98
C GLY B 345 -15.01 24.27 29.05
N SER B 346 -16.16 24.94 29.13
CA SER B 346 -17.45 24.26 29.18
C SER B 346 -18.20 24.41 27.85
N VAL B 347 -17.43 24.47 26.77
CA VAL B 347 -17.99 24.59 25.42
C VAL B 347 -18.57 23.26 24.96
N ILE B 348 -19.79 23.30 24.41
CA ILE B 348 -20.41 22.12 23.81
C ILE B 348 -20.16 22.12 22.31
N TYR B 349 -19.68 20.99 21.81
CA TYR B 349 -19.28 20.88 20.40
C TYR B 349 -20.19 19.96 19.61
N GLU B 350 -20.12 20.11 18.29
CA GLU B 350 -20.72 19.19 17.34
C GLU B 350 -19.64 18.85 16.31
N ALA B 351 -19.63 17.62 15.83
CA ALA B 351 -18.65 17.22 14.83
C ALA B 351 -19.29 16.68 13.56
N GLN B 352 -18.72 17.03 12.42
CA GLN B 352 -19.08 16.36 11.18
C GLN B 352 -17.92 15.51 10.69
N ASP B 353 -18.19 14.21 10.52
CA ASP B 353 -17.24 13.28 9.93
C ASP B 353 -17.04 13.67 8.47
N VAL B 354 -15.81 14.02 8.11
CA VAL B 354 -15.52 14.59 6.78
C VAL B 354 -15.79 13.62 5.62
N TYR B 355 -15.55 12.33 5.85
CA TYR B 355 -15.78 11.31 4.82
C TYR B 355 -17.20 10.73 4.75
N SER B 356 -17.79 10.44 5.92
CA SER B 356 -19.14 9.85 5.95
C SER B 356 -20.26 10.90 5.95
N GLY B 357 -19.94 12.12 6.37
CA GLY B 357 -20.91 13.20 6.45
C GLY B 357 -21.76 13.18 7.72
N ASP B 358 -21.55 12.14 8.54
CA ASP B 358 -22.32 11.96 9.77
C ASP B 358 -22.04 13.04 10.81
N ILE B 359 -23.08 13.40 11.54
CA ILE B 359 -22.99 14.45 12.54
C ILE B 359 -23.09 13.84 13.95
N ILE B 360 -22.13 14.19 14.80
CA ILE B 360 -22.12 13.76 16.18
C ILE B 360 -22.39 14.99 17.05
N SER B 361 -23.50 14.96 17.80
CA SER B 361 -23.93 16.12 18.58
C SER B 361 -23.74 15.94 20.08
N GLY B 362 -23.70 17.06 20.80
CA GLY B 362 -23.64 17.06 22.26
C GLY B 362 -22.31 16.58 22.82
N LEU B 363 -21.21 16.96 22.16
CA LEU B 363 -19.88 16.64 22.67
C LEU B 363 -19.38 17.70 23.64
N ARG B 364 -19.34 17.33 24.92
CA ARG B 364 -18.69 18.13 25.96
C ARG B 364 -17.32 17.51 26.21
N ASP B 365 -16.43 18.24 26.88
CA ASP B 365 -15.08 17.76 27.16
C ASP B 365 -15.03 16.39 27.83
N GLU B 366 -16.02 16.08 28.65
CA GLU B 366 -16.06 14.83 29.41
C GLU B 366 -16.72 13.69 28.64
N THR B 367 -17.50 14.03 27.61
CA THR B 367 -18.28 13.06 26.85
C THR B 367 -17.38 12.02 26.18
N ASN B 368 -17.60 10.75 26.52
CA ASN B 368 -16.87 9.65 25.91
C ASN B 368 -17.40 9.37 24.51
N PHE B 369 -16.50 9.23 23.55
CA PHE B 369 -16.89 8.83 22.21
C PHE B 369 -16.00 7.70 21.70
N THR B 370 -16.49 6.99 20.69
CA THR B 370 -15.74 5.95 20.03
C THR B 370 -15.73 6.23 18.54
N VAL B 371 -14.55 6.08 17.92
CA VAL B 371 -14.46 6.10 16.46
C VAL B 371 -13.80 4.81 15.98
N ILE B 372 -14.28 4.29 14.86
CA ILE B 372 -13.76 3.07 14.28
C ILE B 372 -12.80 3.43 13.14
N ILE B 373 -11.53 3.09 13.33
CA ILE B 373 -10.48 3.44 12.37
C ILE B 373 -9.91 2.19 11.73
N ASN B 374 -9.96 2.15 10.40
CA ASN B 374 -9.38 1.04 9.64
C ASN B 374 -7.86 1.16 9.59
N PRO B 375 -7.15 0.00 9.48
CA PRO B 375 -5.68 0.00 9.46
C PRO B 375 -5.11 0.82 8.30
N SER B 376 -4.03 1.55 8.58
CA SER B 376 -3.45 2.55 7.65
C SER B 376 -4.51 3.55 7.14
N GLY B 377 -5.49 3.84 7.98
CA GLY B 377 -6.60 4.70 7.63
C GLY B 377 -6.89 5.78 8.65
N VAL B 378 -7.88 6.61 8.33
CA VAL B 378 -8.25 7.72 9.19
C VAL B 378 -9.75 7.83 9.43
N VAL B 379 -10.08 8.48 10.53
CA VAL B 379 -11.38 9.11 10.76
C VAL B 379 -11.09 10.60 10.91
N MET B 380 -11.82 11.44 10.18
CA MET B 380 -11.61 12.87 10.25
C MET B 380 -12.88 13.62 10.68
N TRP B 381 -12.71 14.52 11.65
CA TRP B 381 -13.80 15.32 12.17
C TRP B 381 -13.60 16.80 11.90
N TYR B 382 -14.67 17.46 11.48
CA TYR B 382 -14.76 18.91 11.52
C TYR B 382 -15.56 19.25 12.78
N LEU B 383 -14.87 19.86 13.75
CA LEU B 383 -15.43 20.08 15.09
C LEU B 383 -15.69 21.57 15.34
N TYR B 384 -16.90 21.88 15.80
CA TYR B 384 -17.33 23.27 16.00
C TYR B 384 -18.24 23.43 17.23
N PRO B 385 -18.14 24.59 17.91
CA PRO B 385 -19.05 24.90 19.01
C PRO B 385 -20.48 25.11 18.53
N ILE B 386 -21.45 24.74 19.36
CA ILE B 386 -22.85 25.07 19.11
C ILE B 386 -23.48 25.75 20.33
N LYS B 387 -24.33 26.75 20.08
CA LYS B 387 -25.03 27.46 21.15
C LYS B 387 -26.51 27.67 20.79
#